data_9C1V
#
_entry.id   9C1V
#
_cell.length_a   106.531
_cell.length_b   106.531
_cell.length_c   259.042
_cell.angle_alpha   90.00
_cell.angle_beta   90.00
_cell.angle_gamma   90.00
#
_symmetry.space_group_name_H-M   'P 41 21 2'
#
loop_
_entity.id
_entity.type
_entity.pdbx_description
1 polymer 'Polyketide synthase Pks13'
2 branched beta-D-fructofuranose-(2-1)-alpha-D-glucopyranose
3 non-polymer 'PENTAETHYLENE GLYCOL'
4 non-polymer 'SULFATE ION'
5 non-polymer N-(1-{3,5-difluoro-4-[(4-{[fluorodi(hydroxy)-lambda~4~-sulfanyl]oxy}phenoxy)methyl]phenyl}-1H-1,2,4-triazol-3-yl)methanesulfonamide
6 water water
#
_entity_poly.entity_id   1
_entity_poly.type   'polypeptide(L)'
_entity_poly.pdbx_seq_one_letter_code
;MHHHHHHSSGVDLGTENLYFQSNARFDEFGNIITDSAVAEEPEPELPGVTEEALRLKEAALEELAAQEVTAPLVPLAVSA
FLTSRKKAAAAELADWMQSPEGQASSLESIGRSLSRRNHGRSRAVVLAHDHDEAIKGLRAVAAGKQAPNVFSVDGPVTTG
PVWVLAGFGAQHRKMGKSLYLRNEVFAAWIEKVDALVQDELGYSVLELILDDAQDYGIETTQVTIFAIQIALGELLRHHG
AKPAAVIGQSLGEAASAYFAGGLSLRDATRAICSRSHLMGEGEAMLFGEYIRLMALVEYSADEIREVFSDFPDLEVCVYA
APTQTVIGGPPEQVDAILARAEAEGKFARKFATKGASHTSQMDPLLGELTAELQGIKPTSPTCGIFSTVHEGRYIKPGGE
PIHDVEYWKKGLRHSVYFTHGIRNAVDSGHTTFLELAPNPVALMQVALTTADAGLHDAQLIPTLARKQDEVSSMVSTMAQ
LYVYGHDLDIRTLFSRASGPQDYANIPPTRFK
;
_entity_poly.pdbx_strand_id   A,B
#
loop_
_chem_comp.id
_chem_comp.type
_chem_comp.name
_chem_comp.formula
1PE non-polymer 'PENTAETHYLENE GLYCOL' 'C10 H22 O6'
A1ATW non-polymer N-(1-{3,5-difluoro-4-[(4-{[fluorodi(hydroxy)-lambda~4~-sulfanyl]oxy}phenoxy)methyl]phenyl}-1H-1,2,4-triazol-3-yl)methanesulfonamide 'C16 H15 F3 N4 O6 S2'
FRU D-saccharide, beta linking beta-D-fructofuranose 'C6 H12 O6'
GLC D-saccharide, alpha linking alpha-D-glucopyranose 'C6 H12 O6'
SO4 non-polymer 'SULFATE ION' 'O4 S -2'
#
# COMPACT_ATOMS: atom_id res chain seq x y z
N GLU A 45 4.78 44.76 27.75
CA GLU A 45 3.34 44.97 27.57
C GLU A 45 2.91 44.63 26.12
N LEU A 46 2.55 43.37 25.92
CA LEU A 46 2.26 42.85 24.60
C LEU A 46 0.80 43.11 24.23
N PRO A 47 0.41 42.86 22.99
CA PRO A 47 -1.01 42.94 22.65
C PRO A 47 -1.81 41.88 23.39
N GLY A 48 -3.09 42.20 23.63
CA GLY A 48 -4.01 41.26 24.24
C GLY A 48 -4.72 40.44 23.20
N VAL A 49 -5.51 39.48 23.68
CA VAL A 49 -6.38 38.71 22.79
C VAL A 49 -7.38 39.64 22.11
N THR A 50 -7.43 39.60 20.78
CA THR A 50 -8.26 40.54 20.04
C THR A 50 -9.74 40.37 20.37
N GLU A 51 -10.52 41.43 20.08
CA GLU A 51 -11.95 41.35 20.30
C GLU A 51 -12.59 40.26 19.43
N GLU A 52 -12.15 40.17 18.17
CA GLU A 52 -12.72 39.16 17.28
C GLU A 52 -12.36 37.76 17.73
N ALA A 53 -11.19 37.59 18.37
CA ALA A 53 -10.82 36.28 18.90
C ALA A 53 -11.80 35.86 19.99
N LEU A 54 -12.07 36.77 20.94
CA LEU A 54 -13.03 36.48 22.00
C LEU A 54 -14.40 36.14 21.42
N ARG A 55 -14.86 36.95 20.46
CA ARG A 55 -16.12 36.65 19.79
C ARG A 55 -16.11 35.26 19.19
N LEU A 56 -15.07 34.92 18.42
CA LEU A 56 -15.00 33.59 17.83
C LEU A 56 -14.95 32.52 18.91
N LYS A 57 -14.33 32.82 20.05
CA LYS A 57 -14.19 31.83 21.11
C LYS A 57 -15.52 31.55 21.80
N GLU A 58 -16.34 32.59 21.99
CA GLU A 58 -17.65 32.38 22.62
C GLU A 58 -18.56 31.56 21.71
N ALA A 59 -18.54 31.84 20.41
CA ALA A 59 -19.33 31.04 19.48
C ALA A 59 -18.86 29.60 19.49
N ALA A 60 -17.53 29.39 19.48
CA ALA A 60 -16.99 28.04 19.47
C ALA A 60 -17.35 27.28 20.74
N LEU A 61 -17.39 27.97 21.88
CA LEU A 61 -17.72 27.26 23.11
C LEU A 61 -19.19 26.83 23.13
N GLU A 62 -20.09 27.67 22.63
CA GLU A 62 -21.48 27.25 22.48
C GLU A 62 -21.59 26.06 21.55
N GLU A 63 -20.86 26.10 20.44
CA GLU A 63 -20.81 24.93 19.57
C GLU A 63 -20.38 23.69 20.35
N LEU A 64 -19.41 23.86 21.24
CA LEU A 64 -18.90 22.73 22.01
C LEU A 64 -19.92 22.29 23.06
N ALA A 65 -20.52 23.25 23.78
CA ALA A 65 -21.47 22.92 24.84
C ALA A 65 -22.67 22.13 24.31
N ALA A 66 -23.13 22.47 23.12
CA ALA A 66 -24.30 21.82 22.56
C ALA A 66 -23.98 20.52 21.85
N GLN A 67 -22.78 19.98 22.02
CA GLN A 67 -22.42 18.71 21.40
C GLN A 67 -22.44 17.60 22.43
N GLU A 68 -22.56 16.37 21.91
CA GLU A 68 -22.61 15.18 22.76
C GLU A 68 -21.26 14.92 23.41
N VAL A 69 -21.25 14.81 24.73
CA VAL A 69 -20.02 14.55 25.46
C VAL A 69 -19.55 13.13 25.16
N THR A 70 -18.31 13.00 24.71
CA THR A 70 -17.73 11.70 24.42
C THR A 70 -16.94 11.17 25.61
N ALA A 71 -16.88 9.85 25.71
CA ALA A 71 -16.16 9.23 26.82
C ALA A 71 -14.67 9.55 26.72
N PRO A 72 -14.05 10.08 27.77
CA PRO A 72 -12.62 10.40 27.68
C PRO A 72 -11.78 9.14 27.63
N LEU A 73 -10.57 9.29 27.10
CA LEU A 73 -9.62 8.20 27.07
C LEU A 73 -8.78 8.23 28.35
N VAL A 74 -8.76 7.12 29.06
CA VAL A 74 -8.06 7.06 30.34
C VAL A 74 -6.83 6.18 30.21
N PRO A 75 -5.67 6.58 30.77
CA PRO A 75 -4.51 5.67 30.84
C PRO A 75 -4.48 4.82 32.11
N LEU A 76 -4.43 3.49 31.97
CA LEU A 76 -4.28 2.59 33.10
C LEU A 76 -2.88 2.01 33.07
N ALA A 77 -2.07 2.31 34.10
CA ALA A 77 -0.69 1.85 34.18
C ALA A 77 -0.55 0.67 35.16
N VAL A 78 0.14 -0.40 34.72
CA VAL A 78 0.62 -1.47 35.61
C VAL A 78 2.11 -1.68 35.36
N SER A 79 2.83 -2.06 36.41
CA SER A 79 4.27 -2.20 36.30
C SER A 79 4.78 -3.19 37.33
N ALA A 80 5.99 -3.70 37.09
CA ALA A 80 6.67 -4.60 38.00
C ALA A 80 8.13 -4.71 37.60
N PHE A 81 8.96 -5.07 38.59
CA PHE A 81 10.35 -5.37 38.29
C PHE A 81 10.48 -6.48 37.26
N LEU A 82 9.59 -7.46 37.29
CA LEU A 82 9.58 -8.60 36.37
C LEU A 82 8.36 -8.54 35.47
N THR A 83 8.55 -8.81 34.17
CA THR A 83 7.42 -8.83 33.24
C THR A 83 6.39 -9.87 33.63
N SER A 84 6.84 -11.05 34.04
CA SER A 84 5.94 -12.08 34.55
C SER A 84 5.01 -11.54 35.66
N ARG A 85 5.56 -10.77 36.60
CA ARG A 85 4.72 -10.19 37.64
C ARG A 85 3.84 -9.07 37.10
N LYS A 86 4.36 -8.27 36.14
CA LYS A 86 3.53 -7.26 35.49
C LYS A 86 2.30 -7.90 34.85
N LYS A 87 2.48 -9.05 34.22
CA LYS A 87 1.37 -9.69 33.53
C LYS A 87 0.33 -10.19 34.53
N ALA A 88 0.79 -10.58 35.73
CA ALA A 88 -0.14 -11.07 36.75
C ALA A 88 -0.92 -9.92 37.36
N ALA A 89 -0.26 -8.78 37.57
CA ALA A 89 -0.96 -7.58 38.01
C ALA A 89 -2.02 -7.16 37.01
N ALA A 90 -1.70 -7.24 35.71
CA ALA A 90 -2.69 -6.92 34.69
C ALA A 90 -3.85 -7.90 34.76
N ALA A 91 -3.58 -9.17 35.02
CA ALA A 91 -4.67 -10.13 35.11
C ALA A 91 -5.51 -9.91 36.37
N GLU A 92 -4.84 -9.56 37.48
CA GLU A 92 -5.55 -9.31 38.72
C GLU A 92 -6.43 -8.07 38.60
N LEU A 93 -5.92 -7.01 37.95
CA LEU A 93 -6.73 -5.81 37.75
C LEU A 93 -7.94 -6.11 36.87
N ALA A 94 -7.74 -6.90 35.82
CA ALA A 94 -8.86 -7.24 34.95
C ALA A 94 -9.93 -7.99 35.72
N ASP A 95 -9.52 -8.93 36.58
CA ASP A 95 -10.48 -9.69 37.37
C ASP A 95 -11.32 -8.77 38.25
N TRP A 96 -10.63 -7.93 39.03
CA TRP A 96 -11.32 -7.00 39.90
C TRP A 96 -12.22 -6.06 39.11
N MET A 97 -11.73 -5.54 37.98
CA MET A 97 -12.56 -4.68 37.16
C MET A 97 -13.78 -5.39 36.56
N GLN A 98 -13.74 -6.72 36.45
CA GLN A 98 -14.94 -7.46 36.03
C GLN A 98 -15.93 -7.63 37.17
N SER A 99 -15.48 -7.59 38.43
CA SER A 99 -16.34 -7.69 39.60
C SER A 99 -17.33 -6.52 39.68
N PRO A 100 -18.45 -6.69 40.40
CA PRO A 100 -19.40 -5.57 40.56
C PRO A 100 -18.80 -4.33 41.19
N GLU A 101 -17.84 -4.48 42.12
CA GLU A 101 -17.25 -3.28 42.71
C GLU A 101 -16.35 -2.56 41.72
N GLY A 102 -15.59 -3.33 40.93
CA GLY A 102 -14.81 -2.71 39.85
C GLY A 102 -15.71 -2.01 38.85
N GLN A 103 -16.80 -2.68 38.45
CA GLN A 103 -17.72 -2.10 37.48
C GLN A 103 -18.31 -0.79 38.00
N ALA A 104 -18.41 -0.64 39.31
CA ALA A 104 -19.02 0.54 39.91
C ALA A 104 -18.04 1.70 40.06
N SER A 105 -16.77 1.49 39.73
CA SER A 105 -15.73 2.52 39.86
C SER A 105 -15.46 3.13 38.50
N SER A 106 -15.31 4.44 38.46
CA SER A 106 -15.03 5.11 37.20
C SER A 106 -13.63 4.76 36.73
N LEU A 107 -13.44 4.75 35.40
CA LEU A 107 -12.10 4.52 34.86
C LEU A 107 -11.12 5.55 35.42
N GLU A 108 -11.54 6.79 35.53
CA GLU A 108 -10.68 7.86 36.04
C GLU A 108 -10.23 7.59 37.47
N SER A 109 -11.12 7.01 38.29
CA SER A 109 -10.72 6.69 39.66
C SER A 109 -9.72 5.55 39.67
N ILE A 110 -9.99 4.50 38.88
CA ILE A 110 -9.05 3.38 38.78
C ILE A 110 -7.68 3.87 38.34
N GLY A 111 -7.64 4.70 37.30
CA GLY A 111 -6.37 5.15 36.76
C GLY A 111 -5.66 6.11 37.69
N ARG A 112 -6.42 6.96 38.40
CA ARG A 112 -5.80 7.79 39.41
C ARG A 112 -5.11 6.93 40.47
N SER A 113 -5.76 5.85 40.91
CA SER A 113 -5.15 4.98 41.90
C SER A 113 -3.90 4.32 41.34
N LEU A 114 -3.99 3.74 40.14
CA LEU A 114 -2.83 3.13 39.52
C LEU A 114 -1.68 4.13 39.41
N SER A 115 -1.99 5.41 39.17
CA SER A 115 -0.92 6.39 38.98
C SER A 115 -0.12 6.65 40.26
N ARG A 116 -0.59 6.20 41.42
CA ARG A 116 0.14 6.42 42.66
C ARG A 116 0.92 5.20 43.11
N ARG A 117 0.92 4.11 42.34
CA ARG A 117 1.80 3.00 42.62
C ARG A 117 3.24 3.42 42.46
N ASN A 118 4.14 2.57 42.93
CA ASN A 118 5.51 2.66 42.45
C ASN A 118 5.55 2.15 41.02
N HIS A 119 6.43 2.74 40.23
CA HIS A 119 6.50 2.45 38.81
C HIS A 119 7.78 1.68 38.51
N GLY A 120 7.60 0.41 38.15
CA GLY A 120 8.72 -0.51 38.02
C GLY A 120 9.40 -0.45 36.66
N ARG A 121 10.32 -1.38 36.48
CA ARG A 121 11.09 -1.43 35.25
C ARG A 121 10.21 -1.85 34.07
N SER A 122 9.41 -2.91 34.26
CA SER A 122 8.57 -3.48 33.22
C SER A 122 7.22 -2.78 33.24
N ARG A 123 6.79 -2.19 32.11
CA ARG A 123 5.63 -1.29 32.16
C ARG A 123 4.60 -1.61 31.10
N ALA A 124 3.38 -1.16 31.34
CA ALA A 124 2.30 -1.25 30.37
C ALA A 124 1.27 -0.17 30.68
N VAL A 125 0.63 0.33 29.63
CA VAL A 125 -0.51 1.24 29.71
C VAL A 125 -1.59 0.72 28.78
N VAL A 126 -2.81 0.58 29.30
CA VAL A 126 -3.99 0.29 28.49
C VAL A 126 -4.82 1.56 28.42
N LEU A 127 -5.05 2.04 27.20
CA LEU A 127 -5.84 3.24 26.98
C LEU A 127 -7.27 2.81 26.75
N ALA A 128 -8.21 3.37 27.53
CA ALA A 128 -9.58 2.86 27.48
C ALA A 128 -10.59 3.99 27.62
N HIS A 129 -11.74 3.79 26.99
CA HIS A 129 -12.92 4.63 27.17
C HIS A 129 -13.93 4.06 28.15
N ASP A 130 -13.96 2.72 28.34
CA ASP A 130 -14.91 2.07 29.24
C ASP A 130 -14.28 0.82 29.86
N HIS A 131 -15.08 0.10 30.63
CA HIS A 131 -14.55 -1.09 31.31
C HIS A 131 -14.25 -2.21 30.33
N ASP A 132 -15.03 -2.30 29.25
CA ASP A 132 -14.79 -3.33 28.26
C ASP A 132 -13.40 -3.18 27.63
N GLU A 133 -13.12 -2.01 27.05
CA GLU A 133 -11.80 -1.79 26.47
C GLU A 133 -10.71 -2.09 27.47
N ALA A 134 -10.87 -1.57 28.69
CA ALA A 134 -9.83 -1.76 29.70
C ALA A 134 -9.59 -3.24 29.98
N ILE A 135 -10.65 -3.98 30.24
CA ILE A 135 -10.48 -5.40 30.56
C ILE A 135 -9.87 -6.14 29.37
N LYS A 136 -10.39 -5.89 28.17
CA LYS A 136 -9.80 -6.42 26.94
C LYS A 136 -8.32 -6.09 26.85
N GLY A 137 -7.98 -4.80 26.96
CA GLY A 137 -6.58 -4.40 26.87
C GLY A 137 -5.72 -5.05 27.94
N LEU A 138 -6.27 -5.19 29.16
CA LEU A 138 -5.50 -5.80 30.24
C LEU A 138 -5.29 -7.28 29.98
N ARG A 139 -6.29 -7.96 29.42
CA ARG A 139 -6.10 -9.37 29.10
C ARG A 139 -4.97 -9.56 28.09
N ALA A 140 -4.86 -8.66 27.11
CA ALA A 140 -3.75 -8.69 26.15
C ALA A 140 -2.42 -8.50 26.84
N VAL A 141 -2.33 -7.50 27.72
CA VAL A 141 -1.10 -7.31 28.49
C VAL A 141 -0.75 -8.57 29.26
N ALA A 142 -1.76 -9.20 29.88
CA ALA A 142 -1.51 -10.42 30.64
C ALA A 142 -1.02 -11.54 29.72
N ALA A 143 -1.66 -11.69 28.56
CA ALA A 143 -1.36 -12.69 27.55
C ALA A 143 -0.13 -12.39 26.71
N GLY A 144 0.56 -11.28 26.95
CA GLY A 144 1.71 -10.94 26.12
C GLY A 144 1.35 -10.67 24.67
N LYS A 145 0.12 -10.26 24.42
CA LYS A 145 -0.36 -10.05 23.05
C LYS A 145 -0.56 -8.57 22.78
N GLN A 146 -0.44 -8.21 21.50
CA GLN A 146 -0.56 -6.83 21.10
C GLN A 146 -2.02 -6.47 20.85
N ALA A 147 -2.35 -5.22 21.18
CA ALA A 147 -3.66 -4.65 20.93
C ALA A 147 -3.45 -3.19 20.57
N PRO A 148 -4.37 -2.57 19.81
CA PRO A 148 -4.09 -1.20 19.31
C PRO A 148 -4.12 -0.13 20.38
N ASN A 149 -4.68 -0.40 21.57
CA ASN A 149 -4.70 0.56 22.67
C ASN A 149 -3.70 0.21 23.77
N VAL A 150 -2.76 -0.68 23.51
CA VAL A 150 -1.91 -1.28 24.54
C VAL A 150 -0.45 -1.09 24.20
N PHE A 151 0.33 -0.57 25.14
CA PHE A 151 1.78 -0.50 25.03
C PHE A 151 2.42 -1.22 26.21
N SER A 152 3.36 -2.12 25.94
CA SER A 152 3.98 -2.94 26.98
C SER A 152 5.41 -3.27 26.62
N VAL A 153 6.34 -3.00 27.53
CA VAL A 153 7.77 -3.19 27.29
C VAL A 153 8.40 -3.82 28.53
N ASP A 154 9.47 -4.59 28.30
CA ASP A 154 10.17 -5.26 29.40
C ASP A 154 11.01 -4.31 30.22
N GLY A 155 11.42 -3.19 29.65
CA GLY A 155 12.21 -2.24 30.38
C GLY A 155 12.33 -0.94 29.62
N PRO A 156 12.89 0.08 30.28
CA PRO A 156 12.93 1.41 29.69
C PRO A 156 13.77 1.46 28.43
N VAL A 157 13.45 2.44 27.58
CA VAL A 157 14.33 2.77 26.46
C VAL A 157 15.63 3.38 26.99
N THR A 158 16.73 3.10 26.29
CA THR A 158 18.06 3.47 26.78
C THR A 158 18.40 4.95 26.62
N THR A 159 17.94 5.60 25.55
CA THR A 159 18.29 6.98 25.28
C THR A 159 17.04 7.83 25.25
N GLY A 160 17.17 9.09 25.65
CA GLY A 160 16.07 10.02 25.68
C GLY A 160 15.51 10.32 24.30
N PRO A 161 14.37 10.97 24.26
CA PRO A 161 13.64 11.11 23.00
C PRO A 161 14.10 12.31 22.18
N VAL A 162 13.93 12.18 20.87
CA VAL A 162 14.19 13.24 19.90
C VAL A 162 12.86 13.88 19.53
N TRP A 163 12.76 15.19 19.79
CA TRP A 163 11.58 15.95 19.37
C TRP A 163 11.76 16.40 17.92
N VAL A 164 10.77 16.09 17.10
CA VAL A 164 10.80 16.37 15.66
C VAL A 164 9.88 17.55 15.36
N LEU A 165 10.44 18.61 14.80
CA LEU A 165 9.70 19.82 14.48
C LEU A 165 9.71 19.98 12.95
N ALA A 166 8.69 19.45 12.28
CA ALA A 166 8.52 19.66 10.84
C ALA A 166 7.38 20.64 10.60
N GLY A 167 6.37 20.24 9.85
CA GLY A 167 5.23 21.13 9.72
C GLY A 167 4.60 21.16 8.35
N PHE A 168 5.42 21.24 7.31
CA PHE A 168 4.93 21.29 5.94
C PHE A 168 3.96 20.16 5.71
N GLY A 169 2.84 20.49 5.09
CA GLY A 169 1.93 19.45 4.70
C GLY A 169 1.08 18.93 5.81
N ALA A 170 1.13 19.54 6.98
CA ALA A 170 0.40 19.06 8.14
C ALA A 170 -0.84 19.88 8.47
N GLN A 171 -1.01 21.05 7.84
CA GLN A 171 -2.07 22.00 8.23
C GLN A 171 -3.45 21.52 7.79
N HIS A 172 -4.46 21.93 8.54
CA HIS A 172 -5.85 21.77 8.11
C HIS A 172 -6.70 22.81 8.82
N ARG A 173 -7.92 22.97 8.32
CA ARG A 173 -8.71 24.17 8.60
C ARG A 173 -8.85 24.42 10.11
N LYS A 174 -9.14 23.37 10.87
CA LYS A 174 -9.45 23.53 12.28
C LYS A 174 -8.30 23.12 13.21
N MET A 175 -7.07 22.99 12.70
CA MET A 175 -5.98 22.50 13.53
C MET A 175 -5.86 23.31 14.81
N GLY A 176 -5.68 22.61 15.93
CA GLY A 176 -5.42 23.28 17.17
C GLY A 176 -6.62 23.83 17.90
N LYS A 177 -7.79 23.93 17.24
CA LYS A 177 -8.96 24.59 17.84
C LYS A 177 -9.50 23.83 19.03
N SER A 178 -9.75 22.52 18.85
CA SER A 178 -10.33 21.71 19.92
C SER A 178 -9.50 21.75 21.18
N LEU A 179 -8.19 21.48 21.06
CA LEU A 179 -7.33 21.51 22.24
C LEU A 179 -7.26 22.91 22.85
N TYR A 180 -7.37 23.97 22.03
CA TYR A 180 -7.43 25.32 22.59
C TYR A 180 -8.64 25.50 23.50
N LEU A 181 -9.80 25.08 23.05
CA LEU A 181 -10.97 25.28 23.87
C LEU A 181 -10.92 24.41 25.13
N ARG A 182 -10.16 23.32 25.12
CA ARG A 182 -10.31 22.28 26.12
C ARG A 182 -9.12 22.08 27.05
N ASN A 183 -7.99 22.74 26.80
CA ASN A 183 -6.81 22.58 27.65
C ASN A 183 -6.27 23.94 28.05
N GLU A 184 -6.33 24.24 29.35
CA GLU A 184 -5.90 25.55 29.84
C GLU A 184 -4.44 25.81 29.51
N VAL A 185 -3.58 24.79 29.63
CA VAL A 185 -2.15 25.02 29.46
C VAL A 185 -1.84 25.27 27.99
N PHE A 186 -2.32 24.36 27.11
CA PHE A 186 -2.21 24.56 25.67
C PHE A 186 -2.69 25.95 25.28
N ALA A 187 -3.84 26.39 25.83
CA ALA A 187 -4.41 27.66 25.41
C ALA A 187 -3.58 28.85 25.87
N ALA A 188 -2.97 28.74 27.06
CA ALA A 188 -2.11 29.81 27.56
C ALA A 188 -0.92 30.07 26.63
N TRP A 189 -0.32 28.99 26.11
CA TRP A 189 0.86 29.17 25.26
C TRP A 189 0.49 29.65 23.87
N ILE A 190 -0.61 29.12 23.31
CA ILE A 190 -1.15 29.66 22.06
C ILE A 190 -1.29 31.17 22.16
N GLU A 191 -1.88 31.66 23.25
CA GLU A 191 -2.10 33.10 23.36
C GLU A 191 -0.77 33.85 23.49
N LYS A 192 0.21 33.24 24.16
CA LYS A 192 1.52 33.88 24.27
C LYS A 192 2.13 34.09 22.89
N VAL A 193 2.12 33.04 22.06
CA VAL A 193 2.60 33.19 20.68
C VAL A 193 1.71 34.13 19.88
N ASP A 194 0.40 34.13 20.15
CA ASP A 194 -0.52 35.02 19.43
C ASP A 194 -0.21 36.48 19.72
N ALA A 195 0.19 36.80 20.94
CA ALA A 195 0.56 38.17 21.26
C ALA A 195 1.86 38.57 20.56
N LEU A 196 2.85 37.69 20.59
CA LEU A 196 4.13 37.95 19.92
C LEU A 196 3.95 38.12 18.40
N VAL A 197 3.16 37.25 17.78
CA VAL A 197 2.95 37.34 16.33
C VAL A 197 2.13 38.57 16.01
N GLN A 198 1.03 38.81 16.75
CA GLN A 198 0.36 40.12 16.69
C GLN A 198 1.37 41.25 16.64
N ASP A 199 2.27 41.29 17.62
CA ASP A 199 3.20 42.41 17.71
C ASP A 199 4.20 42.44 16.55
N GLU A 200 4.49 41.29 15.94
CA GLU A 200 5.50 41.23 14.88
C GLU A 200 4.92 41.44 13.49
N LEU A 201 3.78 40.83 13.17
CA LEU A 201 3.22 40.96 11.83
C LEU A 201 1.88 41.69 11.80
N GLY A 202 1.25 41.89 12.95
CA GLY A 202 0.04 42.69 13.00
C GLY A 202 -1.25 41.96 12.75
N TYR A 203 -1.31 40.65 12.95
CA TYR A 203 -2.57 39.94 12.90
C TYR A 203 -2.58 38.87 13.97
N SER A 204 -3.76 38.30 14.20
CA SER A 204 -3.97 37.36 15.28
C SER A 204 -4.04 35.97 14.69
N VAL A 205 -3.12 35.11 15.13
CA VAL A 205 -3.14 33.70 14.73
C VAL A 205 -4.29 32.97 15.44
N LEU A 206 -4.66 33.43 16.63
CA LEU A 206 -5.75 32.78 17.33
C LEU A 206 -7.08 32.97 16.60
N GLU A 207 -7.22 34.04 15.81
CA GLU A 207 -8.44 34.21 15.02
C GLU A 207 -8.50 33.15 13.93
N LEU A 208 -7.35 32.83 13.34
CA LEU A 208 -7.28 31.79 12.33
C LEU A 208 -7.63 30.42 12.91
N ILE A 209 -7.14 30.14 14.11
CA ILE A 209 -7.47 28.88 14.75
C ILE A 209 -8.98 28.81 15.03
N LEU A 210 -9.55 29.90 15.54
CA LEU A 210 -10.93 29.82 16.03
C LEU A 210 -11.99 29.95 14.94
N ASP A 211 -11.67 30.60 13.81
CA ASP A 211 -12.65 30.87 12.75
C ASP A 211 -12.64 29.74 11.72
N ASP A 212 -13.71 28.93 11.71
CA ASP A 212 -13.76 27.84 10.75
C ASP A 212 -13.85 28.32 9.32
N ALA A 213 -14.21 29.58 9.06
CA ALA A 213 -14.34 30.02 7.67
C ALA A 213 -13.01 30.25 6.99
N GLN A 214 -11.93 30.22 7.74
CA GLN A 214 -10.64 30.69 7.28
C GLN A 214 -9.70 29.51 7.13
N ASP A 215 -8.89 29.54 6.08
CA ASP A 215 -7.87 28.53 5.86
C ASP A 215 -6.52 29.20 5.59
N TYR A 216 -5.48 28.38 5.60
CA TYR A 216 -4.12 28.84 5.75
C TYR A 216 -3.39 28.92 4.41
N GLY A 217 -2.50 29.88 4.30
CA GLY A 217 -1.70 30.05 3.12
C GLY A 217 -0.24 29.89 3.45
N ILE A 218 0.64 30.26 2.52
CA ILE A 218 2.07 30.02 2.67
C ILE A 218 2.60 30.73 3.91
N GLU A 219 2.13 31.95 4.15
CA GLU A 219 2.58 32.67 5.33
C GLU A 219 1.94 32.12 6.60
N THR A 220 0.60 32.09 6.66
CA THR A 220 -0.06 31.81 7.93
C THR A 220 0.05 30.35 8.33
N THR A 221 0.30 29.44 7.39
CA THR A 221 0.53 28.05 7.75
C THR A 221 1.74 27.92 8.67
N GLN A 222 2.77 28.71 8.40
CA GLN A 222 4.03 28.59 9.16
C GLN A 222 3.90 29.20 10.55
N VAL A 223 3.38 30.42 10.65
CA VAL A 223 3.31 31.03 11.96
C VAL A 223 2.29 30.29 12.83
N THR A 224 1.23 29.72 12.24
CA THR A 224 0.23 29.05 13.08
C THR A 224 0.69 27.67 13.52
N ILE A 225 1.33 26.92 12.62
CA ILE A 225 1.89 25.63 13.02
C ILE A 225 2.98 25.84 14.07
N PHE A 226 3.80 26.89 13.90
CA PHE A 226 4.75 27.26 14.94
C PHE A 226 4.06 27.42 16.28
N ALA A 227 2.99 28.22 16.31
CA ALA A 227 2.27 28.42 17.56
C ALA A 227 1.80 27.10 18.13
N ILE A 228 1.24 26.25 17.28
CA ILE A 228 0.79 24.95 17.78
C ILE A 228 1.97 24.13 18.29
N GLN A 229 3.13 24.25 17.62
CA GLN A 229 4.31 23.49 18.05
C GLN A 229 4.78 23.96 19.42
N ILE A 230 4.88 25.28 19.61
CA ILE A 230 5.27 25.81 20.91
C ILE A 230 4.32 25.31 21.99
N ALA A 231 3.01 25.45 21.74
CA ALA A 231 2.03 25.11 22.76
C ALA A 231 2.03 23.62 23.08
N LEU A 232 2.23 22.77 22.07
CA LEU A 232 2.25 21.33 22.34
C LEU A 232 3.44 20.97 23.22
N GLY A 233 4.60 21.55 22.92
CA GLY A 233 5.81 21.20 23.65
C GLY A 233 5.80 21.74 25.06
N GLU A 234 5.23 22.93 25.26
CA GLU A 234 5.12 23.43 26.62
C GLU A 234 4.09 22.66 27.44
N LEU A 235 3.04 22.16 26.79
CA LEU A 235 2.09 21.29 27.46
C LEU A 235 2.78 20.02 27.94
N LEU A 236 3.60 19.44 27.06
CA LEU A 236 4.36 18.25 27.44
C LEU A 236 5.30 18.54 28.59
N ARG A 237 6.05 19.64 28.51
CA ARG A 237 6.93 20.02 29.61
C ARG A 237 6.13 20.17 30.91
N HIS A 238 4.91 20.68 30.80
CA HIS A 238 4.07 20.91 31.97
C HIS A 238 3.84 19.63 32.75
N HIS A 239 3.83 18.47 32.07
CA HIS A 239 3.68 17.19 32.74
C HIS A 239 5.02 16.46 32.89
N GLY A 240 6.13 17.18 32.83
CA GLY A 240 7.42 16.63 33.17
C GLY A 240 8.28 16.13 32.03
N ALA A 241 7.79 16.12 30.79
CA ALA A 241 8.60 15.60 29.71
C ALA A 241 9.62 16.65 29.26
N LYS A 242 10.63 16.20 28.51
CA LYS A 242 11.60 17.13 27.95
C LYS A 242 12.32 16.45 26.79
N PRO A 243 12.87 17.22 25.85
CA PRO A 243 13.64 16.64 24.75
C PRO A 243 15.07 16.29 25.17
N ALA A 244 15.50 15.09 24.80
CA ALA A 244 16.94 14.80 24.86
C ALA A 244 17.68 15.54 23.75
N ALA A 245 17.13 15.52 22.53
CA ALA A 245 17.63 16.37 21.46
C ALA A 245 16.42 16.79 20.62
N VAL A 246 16.67 17.71 19.66
CA VAL A 246 15.64 18.18 18.73
C VAL A 246 16.19 18.06 17.31
N ILE A 247 15.27 17.91 16.36
CA ILE A 247 15.60 17.95 14.93
C ILE A 247 14.48 18.70 14.23
N GLY A 248 14.84 19.52 13.24
CA GLY A 248 13.86 20.33 12.54
C GLY A 248 13.80 20.09 11.05
N GLN A 249 12.66 20.43 10.43
CA GLN A 249 12.53 20.37 8.99
C GLN A 249 11.72 21.55 8.52
N SER A 250 12.56 22.56 7.96
CA SER A 250 12.18 23.62 7.03
C SER A 250 11.61 24.77 7.83
N LEU A 251 10.31 25.11 8.32
CA LEU A 251 9.21 25.61 9.13
C LEU A 251 9.49 25.31 10.61
N GLY A 252 9.72 24.04 10.92
CA GLY A 252 9.89 23.67 12.30
C GLY A 252 11.20 24.11 12.94
N GLU A 253 12.18 24.55 12.15
CA GLU A 253 13.49 24.89 12.71
C GLU A 253 13.38 25.98 13.78
N ALA A 254 12.47 26.93 13.61
CA ALA A 254 12.31 27.98 14.62
C ALA A 254 11.84 27.38 15.96
N ALA A 255 10.82 26.52 15.93
CA ALA A 255 10.37 25.88 17.16
C ALA A 255 11.48 24.99 17.75
N SER A 256 12.17 24.24 16.90
CA SER A 256 13.25 23.41 17.40
C SER A 256 14.29 24.26 18.12
N ALA A 257 14.53 25.49 17.64
CA ALA A 257 15.50 26.35 18.30
C ALA A 257 15.03 26.77 19.68
N TYR A 258 13.73 27.06 19.82
CA TYR A 258 13.19 27.41 21.13
C TYR A 258 13.39 26.28 22.13
N PHE A 259 12.94 25.06 21.79
CA PHE A 259 12.98 23.90 22.68
C PHE A 259 14.40 23.41 22.95
N ALA A 260 15.36 23.71 22.07
CA ALA A 260 16.76 23.43 22.35
C ALA A 260 17.46 24.50 23.18
N GLY A 261 16.77 25.57 23.57
CA GLY A 261 17.43 26.59 24.35
C GLY A 261 18.38 27.46 23.55
N GLY A 262 18.23 27.49 22.23
CA GLY A 262 19.04 28.33 21.37
C GLY A 262 18.51 29.73 21.13
N LEU A 263 17.24 30.00 21.45
CA LEU A 263 16.68 31.32 21.27
C LEU A 263 15.50 31.45 22.21
N SER A 264 15.33 32.64 22.78
CA SER A 264 14.12 32.96 23.53
C SER A 264 12.88 32.78 22.65
N LEU A 265 11.73 32.59 23.31
CA LEU A 265 10.49 32.51 22.54
C LEU A 265 10.33 33.73 21.63
N ARG A 266 10.77 34.91 22.08
CA ARG A 266 10.62 36.09 21.25
C ARG A 266 11.46 35.98 19.96
N ASP A 267 12.69 35.49 20.08
CA ASP A 267 13.54 35.48 18.91
C ASP A 267 13.21 34.31 18.00
N ALA A 268 12.77 33.19 18.57
CA ALA A 268 12.22 32.14 17.71
C ALA A 268 11.04 32.67 16.94
N THR A 269 10.17 33.43 17.60
CA THR A 269 9.05 34.01 16.89
C THR A 269 9.50 34.98 15.80
N ARG A 270 10.53 35.78 16.07
CA ARG A 270 11.07 36.62 15.01
C ARG A 270 11.58 35.78 13.84
N ALA A 271 12.16 34.61 14.13
CA ALA A 271 12.70 33.78 13.06
C ALA A 271 11.61 33.22 12.16
N ILE A 272 10.50 32.77 12.74
CA ILE A 272 9.43 32.23 11.92
C ILE A 272 8.60 33.34 11.25
N CYS A 273 8.56 34.54 11.83
CA CYS A 273 7.75 35.59 11.20
C CYS A 273 8.42 36.17 9.98
N SER A 274 9.72 36.44 10.05
CA SER A 274 10.41 37.00 8.90
C SER A 274 10.45 36.02 7.74
N ARG A 275 10.87 34.78 8.00
CA ARG A 275 10.76 33.69 7.02
C ARG A 275 9.39 33.63 6.33
N SER A 276 8.31 33.62 7.14
CA SER A 276 6.99 33.27 6.63
CA SER A 276 6.98 33.28 6.64
C SER A 276 6.43 34.35 5.71
N HIS A 277 6.52 35.60 6.12
CA HIS A 277 5.88 36.66 5.35
C HIS A 277 6.66 36.97 4.09
N LEU A 278 8.00 36.93 4.16
CA LEU A 278 8.81 37.09 2.96
C LEU A 278 8.48 35.99 1.95
N MET A 279 8.32 34.77 2.43
CA MET A 279 8.03 33.66 1.51
C MET A 279 6.66 33.85 0.86
N GLY A 280 5.66 34.21 1.66
CA GLY A 280 4.30 34.36 1.11
C GLY A 280 4.18 35.56 0.18
N GLU A 281 4.82 36.67 0.53
CA GLU A 281 4.79 37.83 -0.34
C GLU A 281 5.59 37.58 -1.62
N GLY A 282 6.77 36.98 -1.48
CA GLY A 282 7.58 36.70 -2.67
C GLY A 282 6.90 35.75 -3.62
N GLU A 283 6.27 34.70 -3.10
CA GLU A 283 5.62 33.67 -3.92
C GLU A 283 4.37 34.18 -4.59
N ALA A 284 3.71 35.21 -4.03
CA ALA A 284 2.51 35.74 -4.64
C ALA A 284 2.80 36.63 -5.84
N MET A 285 4.02 37.17 -5.97
CA MET A 285 4.37 37.93 -7.16
CA MET A 285 4.38 37.94 -7.16
C MET A 285 4.98 37.06 -8.26
N LEU A 286 5.00 35.74 -8.08
CA LEU A 286 5.62 34.83 -9.03
C LEU A 286 4.62 34.44 -10.12
N PHE A 287 4.99 34.70 -11.37
CA PHE A 287 4.11 34.39 -12.48
C PHE A 287 4.94 33.92 -13.68
N GLY A 288 4.30 33.17 -14.57
CA GLY A 288 4.94 32.74 -15.80
C GLY A 288 6.30 32.09 -15.67
N GLU A 289 7.31 32.70 -16.32
CA GLU A 289 8.66 32.15 -16.38
C GLU A 289 9.39 32.23 -15.06
N TYR A 290 8.82 32.88 -14.06
CA TYR A 290 9.44 33.00 -12.75
C TYR A 290 8.98 31.93 -11.79
N ILE A 291 8.00 31.13 -12.20
CA ILE A 291 7.42 30.12 -11.33
C ILE A 291 8.42 28.98 -11.15
N ARG A 292 8.52 28.46 -9.92
CA ARG A 292 9.38 27.33 -9.59
C ARG A 292 8.56 26.33 -8.77
N LEU A 293 8.40 25.11 -9.30
CA LEU A 293 7.61 24.09 -8.62
C LEU A 293 8.48 23.29 -7.64
N MET A 294 7.80 22.61 -6.71
CA MET A 294 8.45 21.66 -5.81
C MET A 294 7.73 20.33 -5.96
N ALA A 295 8.47 19.22 -5.86
CA ALA A 295 7.86 17.91 -5.99
C ALA A 295 8.65 16.86 -5.23
N LEU A 296 7.93 15.84 -4.77
CA LEU A 296 8.48 14.67 -4.13
C LEU A 296 8.74 13.58 -5.16
N VAL A 297 9.97 13.03 -5.20
CA VAL A 297 10.28 11.92 -6.08
C VAL A 297 10.99 10.81 -5.33
N GLU A 298 10.70 9.58 -5.70
CA GLU A 298 11.31 8.40 -5.07
C GLU A 298 12.70 8.15 -5.65
N TYR A 299 13.58 9.10 -5.41
CA TYR A 299 14.98 8.99 -5.77
C TYR A 299 15.80 9.23 -4.51
N SER A 300 16.90 8.51 -4.39
CA SER A 300 17.80 8.75 -3.28
C SER A 300 18.70 9.92 -3.60
N ALA A 301 19.53 10.30 -2.65
CA ALA A 301 20.54 11.32 -2.90
C ALA A 301 21.51 10.90 -4.00
N ASP A 302 21.85 9.62 -4.06
CA ASP A 302 22.82 9.19 -5.06
C ASP A 302 22.19 9.11 -6.43
N GLU A 303 20.94 8.61 -6.49
CA GLU A 303 20.20 8.65 -7.73
C GLU A 303 20.07 10.08 -8.25
N ILE A 304 19.75 11.03 -7.35
CA ILE A 304 19.60 12.43 -7.74
C ILE A 304 20.86 12.94 -8.41
N ARG A 305 22.02 12.65 -7.80
CA ARG A 305 23.27 13.13 -8.38
C ARG A 305 23.41 12.74 -9.84
N GLU A 306 22.89 11.58 -10.23
CA GLU A 306 23.03 11.14 -11.61
C GLU A 306 21.84 11.58 -12.47
N VAL A 307 20.63 11.49 -11.94
CA VAL A 307 19.44 11.93 -12.67
C VAL A 307 19.50 13.43 -13.03
N PHE A 308 20.12 14.26 -12.17
CA PHE A 308 20.16 15.70 -12.38
C PHE A 308 21.08 16.13 -13.53
N SER A 309 21.88 15.23 -14.07
CA SER A 309 22.72 15.65 -15.18
C SER A 309 21.89 15.93 -16.42
N ASP A 310 20.62 15.52 -16.45
CA ASP A 310 19.73 15.84 -17.55
C ASP A 310 18.93 17.11 -17.30
N PHE A 311 19.04 17.70 -16.10
CA PHE A 311 18.14 18.77 -15.64
C PHE A 311 18.98 19.85 -14.98
N PRO A 312 19.54 20.76 -15.78
CA PRO A 312 20.54 21.71 -15.24
C PRO A 312 20.05 22.57 -14.10
N ASP A 313 18.77 22.90 -14.03
CA ASP A 313 18.28 23.92 -13.11
C ASP A 313 17.59 23.36 -11.87
N LEU A 314 17.50 22.04 -11.75
CA LEU A 314 16.88 21.41 -10.60
C LEU A 314 17.82 21.44 -9.41
N GLU A 315 17.26 21.62 -8.22
CA GLU A 315 17.99 21.67 -6.95
C GLU A 315 17.26 20.80 -5.96
N VAL A 316 17.98 20.32 -4.92
CA VAL A 316 17.36 19.55 -3.85
C VAL A 316 16.88 20.48 -2.74
N CYS A 317 15.61 20.38 -2.37
CA CYS A 317 15.10 21.16 -1.26
C CYS A 317 15.22 20.41 0.07
N VAL A 318 14.69 19.18 0.11
CA VAL A 318 14.67 18.38 1.32
C VAL A 318 15.09 16.97 0.99
N TYR A 319 16.08 16.45 1.70
CA TYR A 319 16.35 15.02 1.72
C TYR A 319 15.48 14.44 2.81
N ALA A 320 14.32 13.88 2.41
CA ALA A 320 13.26 13.51 3.33
C ALA A 320 13.44 12.11 3.90
N ALA A 321 13.82 11.15 3.06
CA ALA A 321 13.96 9.77 3.46
C ALA A 321 15.02 9.15 2.57
N PRO A 322 15.46 7.92 2.87
CA PRO A 322 16.54 7.34 2.04
C PRO A 322 16.23 7.28 0.57
N THR A 323 14.98 6.98 0.17
CA THR A 323 14.60 7.03 -1.25
C THR A 323 13.47 8.01 -1.52
N GLN A 324 13.39 9.09 -0.74
CA GLN A 324 12.44 10.16 -1.03
C GLN A 324 13.18 11.48 -0.93
N THR A 325 13.09 12.29 -1.99
CA THR A 325 13.77 13.58 -2.04
C THR A 325 12.84 14.61 -2.65
N VAL A 326 12.82 15.81 -2.09
CA VAL A 326 12.01 16.90 -2.61
C VAL A 326 12.92 17.81 -3.43
N ILE A 327 12.56 17.97 -4.71
CA ILE A 327 13.33 18.74 -5.67
C ILE A 327 12.55 19.99 -6.06
N GLY A 328 13.25 20.96 -6.63
CA GLY A 328 12.64 22.21 -7.05
C GLY A 328 13.34 22.79 -8.25
N GLY A 329 12.59 23.49 -9.10
CA GLY A 329 13.13 24.05 -10.32
C GLY A 329 12.07 24.51 -11.29
N PRO A 330 12.49 24.86 -12.52
CA PRO A 330 11.53 25.34 -13.50
C PRO A 330 10.52 24.27 -13.85
N PRO A 331 9.27 24.66 -14.16
CA PRO A 331 8.20 23.67 -14.36
C PRO A 331 8.47 22.63 -15.42
N GLU A 332 9.12 22.98 -16.53
CA GLU A 332 9.32 21.97 -17.57
C GLU A 332 10.28 20.89 -17.09
N GLN A 333 11.33 21.27 -16.36
CA GLN A 333 12.26 20.28 -15.85
C GLN A 333 11.62 19.45 -14.76
N VAL A 334 10.84 20.10 -13.88
CA VAL A 334 10.15 19.36 -12.83
C VAL A 334 9.20 18.34 -13.44
N ASP A 335 8.42 18.75 -14.44
CA ASP A 335 7.52 17.84 -15.14
C ASP A 335 8.28 16.67 -15.77
N ALA A 336 9.46 16.92 -16.32
CA ALA A 336 10.21 15.86 -16.98
C ALA A 336 10.76 14.85 -15.98
N ILE A 337 11.33 15.31 -14.87
CA ILE A 337 11.84 14.36 -13.87
C ILE A 337 10.71 13.54 -13.25
N LEU A 338 9.52 14.14 -13.11
CA LEU A 338 8.35 13.39 -12.65
C LEU A 338 7.97 12.33 -13.67
N ALA A 339 7.87 12.72 -14.94
CA ALA A 339 7.67 11.76 -16.02
C ALA A 339 8.73 10.68 -16.00
N ARG A 340 9.99 11.05 -15.80
CA ARG A 340 11.03 10.04 -15.73
C ARG A 340 10.80 9.09 -14.57
N ALA A 341 10.36 9.63 -13.42
CA ALA A 341 10.18 8.78 -12.26
C ALA A 341 9.07 7.76 -12.50
N GLU A 342 7.89 8.22 -12.89
CA GLU A 342 6.76 7.32 -13.11
C GLU A 342 7.04 6.31 -14.20
N ALA A 343 7.90 6.65 -15.16
CA ALA A 343 8.26 5.66 -16.17
C ALA A 343 9.09 4.54 -15.56
N GLU A 344 9.90 4.86 -14.54
CA GLU A 344 10.72 3.87 -13.85
C GLU A 344 9.99 3.25 -12.67
N GLY A 345 8.67 3.43 -12.58
CA GLY A 345 7.89 2.83 -11.52
C GLY A 345 7.97 3.52 -10.18
N LYS A 346 8.79 4.57 -10.07
CA LYS A 346 8.95 5.30 -8.83
C LYS A 346 7.84 6.33 -8.72
N PHE A 347 7.48 6.67 -7.50
CA PHE A 347 6.36 7.59 -7.40
C PHE A 347 6.86 9.04 -7.31
N ALA A 348 5.91 9.97 -7.46
CA ALA A 348 6.25 11.36 -7.70
C ALA A 348 4.99 12.18 -7.52
N ARG A 349 5.12 13.34 -6.89
CA ARG A 349 3.95 14.10 -6.49
C ARG A 349 4.29 15.58 -6.47
N LYS A 350 3.62 16.37 -7.30
CA LYS A 350 3.83 17.83 -7.33
C LYS A 350 3.13 18.51 -6.15
N PHE A 351 3.84 19.37 -5.45
CA PHE A 351 3.20 20.15 -4.40
C PHE A 351 2.55 21.39 -4.99
N ALA A 352 1.84 22.14 -4.17
CA ALA A 352 1.09 23.30 -4.64
C ALA A 352 1.78 24.55 -4.12
N THR A 353 2.60 25.15 -4.97
CA THR A 353 3.31 26.39 -4.63
C THR A 353 3.89 26.93 -5.93
N LYS A 354 3.97 28.25 -6.05
CA LYS A 354 4.62 28.81 -7.23
C LYS A 354 6.09 29.09 -7.02
N GLY A 355 6.60 28.93 -5.78
CA GLY A 355 8.00 29.10 -5.50
C GLY A 355 8.57 27.90 -4.78
N ALA A 356 9.90 27.77 -4.83
CA ALA A 356 10.61 26.66 -4.22
C ALA A 356 11.56 27.20 -3.15
N SER A 357 11.24 26.93 -1.89
CA SER A 357 12.19 27.23 -0.82
C SER A 357 13.40 26.32 -0.94
N HIS A 358 14.48 26.71 -0.25
CA HIS A 358 15.69 25.89 -0.21
C HIS A 358 16.30 25.73 -1.60
N THR A 359 16.04 26.71 -2.46
CA THR A 359 16.70 26.86 -3.74
C THR A 359 17.23 28.28 -3.87
N SER A 360 17.84 28.56 -5.02
CA SER A 360 18.39 29.88 -5.32
C SER A 360 17.31 30.94 -5.53
N GLN A 361 16.04 30.53 -5.75
CA GLN A 361 14.96 31.51 -5.86
C GLN A 361 14.77 32.31 -4.59
N MET A 362 15.31 31.83 -3.47
CA MET A 362 15.29 32.58 -2.21
C MET A 362 16.37 33.66 -2.13
N ASP A 363 17.31 33.72 -3.07
CA ASP A 363 18.35 34.75 -3.02
C ASP A 363 17.81 36.17 -2.94
N PRO A 364 16.75 36.56 -3.66
CA PRO A 364 16.20 37.91 -3.49
C PRO A 364 15.77 38.25 -2.07
N LEU A 365 15.36 37.28 -1.27
CA LEU A 365 14.82 37.57 0.05
C LEU A 365 15.89 37.73 1.11
N LEU A 366 17.11 37.23 0.87
CA LEU A 366 18.06 37.07 1.98
C LEU A 366 18.46 38.41 2.57
N GLY A 367 18.64 39.44 1.72
CA GLY A 367 18.97 40.76 2.24
C GLY A 367 17.96 41.26 3.26
N GLU A 368 16.68 41.18 2.91
CA GLU A 368 15.62 41.61 3.82
C GLU A 368 15.55 40.74 5.07
N LEU A 369 15.70 39.40 4.92
CA LEU A 369 15.71 38.53 6.09
C LEU A 369 16.83 38.89 7.05
N THR A 370 18.01 39.23 6.51
CA THR A 370 19.13 39.67 7.33
C THR A 370 18.74 40.90 8.14
N ALA A 371 18.16 41.89 7.47
CA ALA A 371 17.78 43.12 8.14
C ALA A 371 16.77 42.86 9.24
N GLU A 372 15.76 42.02 8.97
CA GLU A 372 14.65 41.81 9.90
C GLU A 372 15.08 41.05 11.14
N LEU A 373 16.19 40.33 11.07
CA LEU A 373 16.62 39.50 12.19
C LEU A 373 17.72 40.15 13.01
N GLN A 374 18.18 41.33 12.63
CA GLN A 374 19.17 42.03 13.43
C GLN A 374 18.65 42.16 14.85
N GLY A 375 19.48 41.80 15.82
CA GLY A 375 19.14 41.97 17.21
C GLY A 375 18.82 40.68 17.93
N ILE A 376 18.59 39.59 17.21
CA ILE A 376 18.33 38.30 17.86
C ILE A 376 19.58 37.84 18.62
N LYS A 377 19.36 37.07 19.68
CA LYS A 377 20.43 36.70 20.60
C LYS A 377 20.53 35.18 20.76
N PRO A 378 21.41 34.54 19.99
CA PRO A 378 21.56 33.08 20.08
C PRO A 378 22.25 32.66 21.36
N THR A 379 21.68 31.63 21.98
CA THR A 379 22.13 31.15 23.27
C THR A 379 22.62 29.72 23.14
N SER A 380 23.35 29.27 24.15
CA SER A 380 23.92 27.93 24.12
C SER A 380 22.82 26.88 24.29
N PRO A 381 22.78 25.85 23.45
CA PRO A 381 21.72 24.84 23.57
C PRO A 381 21.69 24.23 24.95
N THR A 382 20.50 23.79 25.36
CA THR A 382 20.29 23.10 26.62
C THR A 382 19.92 21.64 26.44
N CYS A 383 19.83 21.20 25.19
CA CYS A 383 19.71 19.79 24.82
C CYS A 383 20.40 19.62 23.47
N GLY A 384 20.48 18.38 23.00
CA GLY A 384 21.15 18.12 21.75
C GLY A 384 20.40 18.71 20.57
N ILE A 385 21.13 18.94 19.49
CA ILE A 385 20.55 19.46 18.26
C ILE A 385 21.11 18.68 17.09
N PHE A 386 20.25 17.96 16.38
CA PHE A 386 20.62 17.47 15.07
C PHE A 386 20.22 18.57 14.09
N SER A 387 21.20 19.15 13.43
CA SER A 387 20.98 20.35 12.61
C SER A 387 20.87 19.94 11.16
N THR A 388 19.64 19.85 10.65
CA THR A 388 19.41 19.60 9.24
C THR A 388 19.72 20.79 8.37
N VAL A 389 19.99 21.97 8.96
CA VAL A 389 20.63 23.05 8.22
C VAL A 389 22.10 22.73 7.99
N HIS A 390 22.82 22.34 9.04
CA HIS A 390 24.24 21.99 8.92
C HIS A 390 24.41 20.51 8.60
N GLU A 391 23.86 20.13 7.45
CA GLU A 391 24.08 18.84 6.80
C GLU A 391 23.77 17.65 7.72
N GLY A 392 23.03 17.88 8.81
CA GLY A 392 22.58 16.81 9.69
C GLY A 392 23.50 16.52 10.87
N ARG A 393 24.46 17.39 11.16
CA ARG A 393 25.45 17.11 12.18
C ARG A 393 24.92 17.50 13.56
N TYR A 394 25.51 16.87 14.59
CA TYR A 394 25.03 17.00 15.97
C TYR A 394 25.71 18.14 16.70
N ILE A 395 24.97 18.81 17.58
CA ILE A 395 25.54 19.82 18.47
C ILE A 395 25.20 19.46 19.91
N LYS A 396 26.23 19.34 20.73
CA LYS A 396 26.09 18.88 22.09
C LYS A 396 25.44 19.97 22.94
N PRO A 397 24.70 19.60 24.00
CA PRO A 397 24.27 20.62 24.97
C PRO A 397 25.46 21.37 25.52
N GLY A 398 25.26 22.66 25.80
CA GLY A 398 26.33 23.53 26.23
C GLY A 398 27.30 23.96 25.15
N GLY A 399 27.17 23.43 23.93
CA GLY A 399 28.00 23.87 22.83
C GLY A 399 27.81 25.34 22.54
N GLU A 400 28.62 25.82 21.58
CA GLU A 400 28.48 27.18 21.11
C GLU A 400 27.11 27.37 20.48
N PRO A 401 26.56 28.59 20.52
CA PRO A 401 25.28 28.82 19.85
C PRO A 401 25.43 28.68 18.33
N ILE A 402 24.34 28.23 17.69
CA ILE A 402 24.29 28.09 16.24
C ILE A 402 23.26 29.01 15.59
N HIS A 403 22.24 29.47 16.32
CA HIS A 403 21.07 30.12 15.73
C HIS A 403 21.24 31.62 15.46
N ASP A 404 22.30 32.02 14.74
CA ASP A 404 22.51 33.42 14.39
C ASP A 404 21.80 33.78 13.08
N VAL A 405 21.89 35.05 12.69
CA VAL A 405 21.22 35.52 11.47
C VAL A 405 21.64 34.68 10.26
N GLU A 406 22.90 34.27 10.21
CA GLU A 406 23.36 33.46 9.10
C GLU A 406 22.71 32.09 9.08
N TYR A 407 22.34 31.56 10.25
CA TYR A 407 21.73 30.24 10.29
C TYR A 407 20.37 30.24 9.60
N TRP A 408 19.59 31.30 9.78
CA TRP A 408 18.25 31.33 9.22
C TRP A 408 18.28 31.59 7.72
N LYS A 409 19.21 32.44 7.27
CA LYS A 409 19.46 32.58 5.84
C LYS A 409 19.85 31.23 5.21
N LYS A 410 20.90 30.59 5.75
CA LYS A 410 21.34 29.31 5.21
C LYS A 410 20.20 28.28 5.18
N GLY A 411 19.37 28.25 6.23
CA GLY A 411 18.29 27.28 6.26
C GLY A 411 17.25 27.54 5.18
N LEU A 412 16.85 28.81 5.01
CA LEU A 412 15.89 29.13 3.96
C LEU A 412 16.47 28.85 2.58
N ARG A 413 17.77 29.11 2.41
CA ARG A 413 18.37 29.06 1.09
C ARG A 413 18.77 27.65 0.66
N HIS A 414 19.23 26.81 1.59
CA HIS A 414 19.91 25.58 1.20
C HIS A 414 19.13 24.34 1.65
N SER A 415 19.54 23.18 1.12
CA SER A 415 18.81 21.93 1.32
C SER A 415 18.63 21.62 2.80
N VAL A 416 17.58 20.85 3.09
CA VAL A 416 17.28 20.37 4.43
C VAL A 416 17.73 18.93 4.50
N TYR A 417 18.67 18.64 5.41
CA TYR A 417 19.24 17.29 5.49
C TYR A 417 18.52 16.46 6.54
N PHE A 418 17.22 16.24 6.29
CA PHE A 418 16.38 15.60 7.29
C PHE A 418 16.74 14.14 7.48
N THR A 419 16.82 13.38 6.38
CA THR A 419 17.11 11.96 6.56
C THR A 419 18.50 11.76 7.20
N HIS A 420 19.43 12.69 6.95
CA HIS A 420 20.78 12.55 7.51
C HIS A 420 20.77 12.84 9.01
N GLY A 421 19.99 13.82 9.44
CA GLY A 421 19.82 14.04 10.88
C GLY A 421 19.23 12.82 11.58
N ILE A 422 18.15 12.27 11.02
CA ILE A 422 17.50 11.11 11.65
C ILE A 422 18.48 9.95 11.74
N ARG A 423 19.18 9.68 10.64
CA ARG A 423 20.16 8.62 10.62
C ARG A 423 21.28 8.86 11.64
N ASN A 424 21.73 10.10 11.75
CA ASN A 424 22.72 10.44 12.77
C ASN A 424 22.18 10.14 14.18
N ALA A 425 20.89 10.41 14.40
CA ALA A 425 20.30 10.15 15.72
C ALA A 425 20.22 8.65 16.02
N VAL A 426 19.74 7.85 15.05
CA VAL A 426 19.72 6.40 15.20
C VAL A 426 21.12 5.87 15.52
N ASP A 427 22.12 6.28 14.72
CA ASP A 427 23.48 5.77 14.85
C ASP A 427 24.13 6.12 16.17
N SER A 428 23.62 7.13 16.89
CA SER A 428 24.12 7.44 18.22
C SER A 428 23.17 6.97 19.34
N GLY A 429 22.23 6.08 19.04
CA GLY A 429 21.50 5.41 20.09
C GLY A 429 20.08 5.86 20.35
N HIS A 430 19.55 6.84 19.62
CA HIS A 430 18.19 7.29 19.86
C HIS A 430 17.19 6.38 19.16
N THR A 431 16.11 6.05 19.86
CA THR A 431 15.07 5.19 19.30
C THR A 431 13.66 5.74 19.40
N THR A 432 13.43 6.79 20.18
CA THR A 432 12.12 7.40 20.34
C THR A 432 12.12 8.75 19.65
N PHE A 433 11.21 8.90 18.68
CA PHE A 433 11.06 10.12 17.91
C PHE A 433 9.62 10.61 18.09
N LEU A 434 9.47 11.79 18.68
CA LEU A 434 8.17 12.35 19.03
C LEU A 434 7.98 13.60 18.19
N GLU A 435 6.88 13.65 17.42
CA GLU A 435 6.62 14.75 16.50
C GLU A 435 5.54 15.67 17.04
N LEU A 436 5.86 16.95 17.09
CA LEU A 436 4.94 18.00 17.50
C LEU A 436 4.35 18.60 16.23
N ALA A 437 3.07 18.34 15.97
CA ALA A 437 2.45 18.79 14.72
C ALA A 437 0.94 18.53 14.81
N PRO A 438 0.15 19.29 14.04
CA PRO A 438 -1.28 18.98 13.90
C PRO A 438 -1.56 17.69 13.17
N ASN A 439 -0.57 17.12 12.48
CA ASN A 439 -0.69 15.87 11.77
C ASN A 439 0.70 15.27 11.73
N PRO A 440 0.83 13.96 11.84
CA PRO A 440 2.18 13.36 11.93
C PRO A 440 2.78 13.02 10.56
N VAL A 441 3.10 14.06 9.81
CA VAL A 441 3.60 13.87 8.45
C VAL A 441 5.05 13.41 8.46
N ALA A 442 5.90 14.08 9.23
CA ALA A 442 7.32 13.74 9.20
C ALA A 442 7.58 12.37 9.80
N LEU A 443 6.74 11.92 10.74
CA LEU A 443 6.97 10.62 11.36
C LEU A 443 7.05 9.51 10.33
N MET A 444 6.28 9.61 9.24
CA MET A 444 6.37 8.62 8.18
C MET A 444 7.72 8.66 7.48
N GLN A 445 8.35 9.84 7.39
CA GLN A 445 9.70 9.89 6.84
C GLN A 445 10.70 9.29 7.81
N VAL A 446 10.50 9.51 9.12
CA VAL A 446 11.41 8.96 10.12
C VAL A 446 11.40 7.43 10.07
N ALA A 447 10.20 6.83 10.04
CA ALA A 447 10.06 5.38 9.93
C ALA A 447 10.92 4.82 8.81
N LEU A 448 10.91 5.48 7.65
CA LEU A 448 11.70 5.03 6.51
C LEU A 448 13.20 5.05 6.84
N THR A 449 13.69 6.09 7.53
CA THR A 449 15.12 6.17 7.81
C THR A 449 15.52 5.24 8.94
N THR A 450 14.67 5.12 9.98
CA THR A 450 14.99 4.19 11.06
C THR A 450 15.05 2.75 10.55
N ALA A 451 14.06 2.35 9.76
CA ALA A 451 14.09 0.98 9.23
C ALA A 451 15.32 0.77 8.37
N ASP A 452 15.65 1.75 7.53
CA ASP A 452 16.79 1.64 6.64
C ASP A 452 18.11 1.64 7.41
N ALA A 453 18.15 2.30 8.57
CA ALA A 453 19.37 2.27 9.37
C ALA A 453 19.47 1.01 10.21
N GLY A 454 18.53 0.07 10.07
CA GLY A 454 18.56 -1.18 10.80
C GLY A 454 17.69 -1.22 12.03
N LEU A 455 17.27 -0.07 12.55
CA LEU A 455 16.39 -0.01 13.72
C LEU A 455 14.97 -0.37 13.28
N HIS A 456 14.53 -1.60 13.57
CA HIS A 456 13.23 -2.08 13.11
C HIS A 456 12.13 -1.96 14.16
N ASP A 457 12.39 -1.34 15.30
CA ASP A 457 11.35 -1.13 16.30
C ASP A 457 11.46 0.23 17.01
N ALA A 458 11.50 1.32 16.23
CA ALA A 458 11.61 2.61 16.86
C ALA A 458 10.32 2.92 17.62
N GLN A 459 10.43 3.84 18.58
CA GLN A 459 9.26 4.44 19.22
C GLN A 459 8.88 5.71 18.46
N LEU A 460 7.88 5.60 17.58
CA LEU A 460 7.41 6.73 16.78
C LEU A 460 6.13 7.26 17.42
N ILE A 461 6.25 8.39 18.12
CA ILE A 461 5.17 8.94 18.95
C ILE A 461 4.63 10.20 18.28
N PRO A 462 3.41 10.17 17.75
CA PRO A 462 2.77 11.36 17.19
C PRO A 462 2.20 12.25 18.29
N THR A 463 1.68 13.42 17.90
CA THR A 463 0.89 14.24 18.80
C THR A 463 -0.52 14.34 18.22
N LEU A 464 -0.85 15.45 17.57
CA LEU A 464 -2.23 15.62 17.08
C LEU A 464 -2.37 15.01 15.69
N ALA A 465 -3.62 14.83 15.28
CA ALA A 465 -3.95 14.32 13.96
C ALA A 465 -5.41 14.62 13.65
N ARG A 466 -5.68 15.08 12.43
CA ARG A 466 -7.05 15.38 12.02
C ARG A 466 -7.91 14.14 12.17
N LYS A 467 -9.14 14.33 12.64
CA LYS A 467 -10.06 13.21 12.89
C LYS A 467 -9.54 12.26 13.97
N GLN A 468 -8.73 12.78 14.90
CA GLN A 468 -8.49 12.15 16.19
C GLN A 468 -8.76 13.20 17.24
N ASP A 469 -9.51 12.84 18.29
CA ASP A 469 -9.79 13.78 19.37
C ASP A 469 -8.48 14.30 19.92
N GLU A 470 -8.35 15.63 19.96
CA GLU A 470 -7.04 16.18 20.29
C GLU A 470 -6.67 15.94 21.76
N VAL A 471 -7.64 15.78 22.65
CA VAL A 471 -7.31 15.47 24.04
C VAL A 471 -6.94 14.00 24.22
N SER A 472 -7.65 13.09 23.54
CA SER A 472 -7.24 11.70 23.48
C SER A 472 -5.80 11.56 22.99
N SER A 473 -5.49 12.23 21.88
CA SER A 473 -4.17 12.11 21.27
C SER A 473 -3.07 12.49 22.28
N MET A 474 -3.28 13.57 23.03
CA MET A 474 -2.24 14.00 23.97
C MET A 474 -2.11 13.03 25.14
N VAL A 475 -3.24 12.47 25.60
CA VAL A 475 -3.20 11.38 26.58
C VAL A 475 -2.31 10.26 26.07
N SER A 476 -2.55 9.83 24.84
CA SER A 476 -1.83 8.70 24.28
C SER A 476 -0.34 9.02 24.14
N THR A 477 -0.01 10.23 23.71
CA THR A 477 1.37 10.67 23.64
C THR A 477 2.05 10.50 24.99
N MET A 478 1.44 11.02 26.05
CA MET A 478 2.12 11.01 27.32
C MET A 478 2.11 9.62 27.94
N ALA A 479 1.07 8.83 27.69
CA ALA A 479 1.10 7.45 28.12
C ALA A 479 2.27 6.68 27.52
N GLN A 480 2.64 6.97 26.27
CA GLN A 480 3.77 6.24 25.66
C GLN A 480 5.09 6.67 26.25
N LEU A 481 5.29 7.97 26.47
CA LEU A 481 6.49 8.44 27.13
C LEU A 481 6.71 7.71 28.45
N TYR A 482 5.62 7.44 29.17
CA TYR A 482 5.73 6.70 30.43
C TYR A 482 6.16 5.25 30.20
N VAL A 483 5.49 4.52 29.31
CA VAL A 483 5.79 3.09 29.11
C VAL A 483 7.27 2.88 28.84
N TYR A 484 7.87 3.77 28.05
CA TYR A 484 9.26 3.63 27.67
C TYR A 484 10.23 4.26 28.67
N GLY A 485 9.74 4.73 29.81
CA GLY A 485 10.62 5.27 30.82
C GLY A 485 11.15 6.67 30.60
N HIS A 486 10.61 7.43 29.65
CA HIS A 486 11.09 8.80 29.46
C HIS A 486 10.51 9.68 30.57
N ASP A 487 11.05 10.90 30.69
CA ASP A 487 10.52 11.81 31.72
C ASP A 487 9.05 12.09 31.48
N LEU A 488 8.24 11.86 32.51
CA LEU A 488 6.80 12.12 32.48
C LEU A 488 6.20 11.79 33.83
N ASP A 489 5.46 12.71 34.41
CA ASP A 489 4.87 12.47 35.73
C ASP A 489 3.44 11.99 35.51
N ILE A 490 3.29 10.68 35.38
CA ILE A 490 1.97 10.12 35.10
C ILE A 490 0.93 10.56 36.13
N ARG A 491 1.36 10.94 37.34
CA ARG A 491 0.39 11.42 38.32
C ARG A 491 -0.31 12.68 37.85
N THR A 492 0.36 13.48 37.02
CA THR A 492 -0.22 14.73 36.58
C THR A 492 -1.24 14.57 35.47
N LEU A 493 -1.48 13.35 34.99
CA LEU A 493 -2.53 13.13 34.03
C LEU A 493 -3.91 13.08 34.67
N PHE A 494 -3.99 13.05 35.98
CA PHE A 494 -5.28 12.98 36.67
C PHE A 494 -5.41 14.18 37.57
N SER A 495 -6.59 14.77 37.58
CA SER A 495 -6.86 15.89 38.47
C SER A 495 -6.63 15.48 39.92
N ARG A 496 -6.29 16.46 40.75
CA ARG A 496 -6.17 16.23 42.18
C ARG A 496 -7.47 15.64 42.70
N ALA A 497 -7.34 14.64 43.56
CA ALA A 497 -8.52 14.01 44.17
C ALA A 497 -9.10 14.97 45.21
N SER A 498 -10.43 15.07 45.22
CA SER A 498 -11.12 15.90 46.20
C SER A 498 -12.02 15.10 47.11
N GLY A 499 -11.99 13.78 47.01
CA GLY A 499 -12.82 12.95 47.83
C GLY A 499 -12.49 11.49 47.57
N PRO A 500 -12.92 10.61 48.48
CA PRO A 500 -12.54 9.20 48.36
C PRO A 500 -13.11 8.51 47.15
N GLN A 501 -14.17 9.05 46.52
CA GLN A 501 -14.68 8.47 45.28
C GLN A 501 -13.77 8.73 44.07
N ASP A 502 -12.79 9.61 44.21
CA ASP A 502 -11.80 9.81 43.16
C ASP A 502 -10.76 8.71 43.11
N TYR A 503 -10.73 7.82 44.10
CA TYR A 503 -9.85 6.67 44.14
C TYR A 503 -10.66 5.39 43.98
N ALA A 504 -9.96 4.30 43.67
CA ALA A 504 -10.60 3.01 43.61
C ALA A 504 -10.07 2.13 44.72
N ASN A 505 -10.80 1.09 45.09
CA ASN A 505 -10.42 0.21 46.21
C ASN A 505 -9.44 -0.82 45.78
N ILE A 506 -8.31 -0.36 45.30
CA ILE A 506 -7.28 -1.25 44.86
C ILE A 506 -6.05 -0.64 45.46
N PRO A 507 -4.98 -1.41 45.51
CA PRO A 507 -3.74 -0.80 45.98
C PRO A 507 -3.29 0.26 44.99
N PRO A 508 -2.75 1.37 45.46
CA PRO A 508 -2.27 1.75 46.79
C PRO A 508 -3.26 2.55 47.59
N THR A 509 -4.53 2.54 47.21
CA THR A 509 -5.53 3.37 47.87
C THR A 509 -6.74 2.60 48.40
N ARG A 510 -6.51 1.41 48.96
CA ARG A 510 -7.60 0.62 49.51
C ARG A 510 -8.19 1.32 50.73
N PHE A 511 -9.51 1.29 50.84
CA PHE A 511 -10.16 1.99 51.94
C PHE A 511 -10.18 1.10 53.18
N LYS A 512 -9.71 1.64 54.31
CA LYS A 512 -9.54 0.83 55.53
C LYS A 512 -10.91 0.43 56.08
N GLU B 45 17.65 -24.85 0.86
CA GLU B 45 18.21 -25.33 -0.41
C GLU B 45 17.42 -26.54 -0.93
N LEU B 46 16.87 -26.41 -2.14
CA LEU B 46 15.76 -27.22 -2.59
C LEU B 46 16.20 -28.34 -3.52
N PRO B 47 15.38 -29.37 -3.70
CA PRO B 47 15.67 -30.41 -4.71
C PRO B 47 15.75 -29.82 -6.11
N GLY B 48 16.43 -30.56 -6.99
CA GLY B 48 16.49 -30.23 -8.39
C GLY B 48 15.61 -31.14 -9.23
N VAL B 49 15.65 -30.90 -10.54
CA VAL B 49 14.78 -31.64 -11.45
C VAL B 49 15.09 -33.13 -11.39
N THR B 50 14.06 -33.93 -11.15
CA THR B 50 14.24 -35.37 -10.99
C THR B 50 14.72 -36.03 -12.27
N GLU B 51 15.45 -37.13 -12.10
CA GLU B 51 15.96 -37.87 -13.24
C GLU B 51 14.83 -38.29 -14.18
N GLU B 52 13.71 -38.74 -13.63
CA GLU B 52 12.59 -39.15 -14.47
C GLU B 52 11.98 -37.95 -15.20
N ALA B 53 11.93 -36.79 -14.54
CA ALA B 53 11.57 -35.58 -15.24
C ALA B 53 12.45 -35.39 -16.48
N LEU B 54 13.77 -35.45 -16.27
CA LEU B 54 14.72 -35.24 -17.36
C LEU B 54 14.54 -36.27 -18.48
N ARG B 55 14.26 -37.53 -18.11
CA ARG B 55 13.99 -38.55 -19.13
C ARG B 55 12.76 -38.19 -19.94
N LEU B 56 11.64 -37.90 -19.27
CA LEU B 56 10.41 -37.56 -19.98
C LEU B 56 10.60 -36.34 -20.87
N LYS B 57 11.48 -35.41 -20.45
CA LYS B 57 11.67 -34.16 -21.18
C LYS B 57 12.41 -34.40 -22.49
N GLU B 58 13.43 -35.26 -22.48
CA GLU B 58 14.13 -35.57 -23.71
C GLU B 58 13.22 -36.29 -24.70
N ALA B 59 12.38 -37.21 -24.22
CA ALA B 59 11.45 -37.87 -25.12
C ALA B 59 10.47 -36.86 -25.72
N ALA B 60 10.04 -35.88 -24.91
CA ALA B 60 9.09 -34.88 -25.39
C ALA B 60 9.74 -33.95 -26.42
N LEU B 61 11.02 -33.61 -26.21
CA LEU B 61 11.74 -32.77 -27.16
C LEU B 61 11.96 -33.48 -28.50
N GLU B 62 12.27 -34.77 -28.46
CA GLU B 62 12.39 -35.54 -29.70
C GLU B 62 11.05 -35.60 -30.42
N GLU B 63 9.97 -35.90 -29.69
CA GLU B 63 8.65 -35.87 -30.32
C GLU B 63 8.40 -34.54 -31.02
N LEU B 64 8.85 -33.46 -30.38
CA LEU B 64 8.60 -32.11 -30.88
C LEU B 64 9.46 -31.81 -32.09
N ALA B 65 10.75 -32.18 -32.05
CA ALA B 65 11.59 -32.04 -33.22
C ALA B 65 11.07 -32.85 -34.40
N ALA B 66 10.26 -33.86 -34.14
CA ALA B 66 9.67 -34.69 -35.19
C ALA B 66 8.41 -34.11 -35.78
N GLN B 67 7.90 -33.01 -35.25
CA GLN B 67 6.65 -32.44 -35.72
C GLN B 67 6.90 -31.34 -36.74
N GLU B 68 5.94 -31.17 -37.64
CA GLU B 68 6.08 -30.17 -38.69
C GLU B 68 6.10 -28.77 -38.06
N VAL B 69 7.09 -27.98 -38.49
CA VAL B 69 7.33 -26.67 -37.91
C VAL B 69 6.23 -25.70 -38.36
N THR B 70 5.68 -24.97 -37.39
CA THR B 70 4.57 -24.05 -37.64
C THR B 70 5.03 -22.60 -37.62
N ALA B 71 4.27 -21.76 -38.33
CA ALA B 71 4.63 -20.34 -38.48
C ALA B 71 4.37 -19.59 -37.18
N PRO B 72 5.36 -18.92 -36.59
CA PRO B 72 5.10 -18.07 -35.43
C PRO B 72 4.02 -17.04 -35.72
N LEU B 73 3.26 -16.70 -34.68
CA LEU B 73 2.32 -15.57 -34.70
C LEU B 73 3.10 -14.30 -34.32
N VAL B 74 3.25 -13.38 -35.26
CA VAL B 74 4.06 -12.18 -35.06
C VAL B 74 3.15 -11.01 -34.71
N PRO B 75 3.43 -10.26 -33.65
CA PRO B 75 2.66 -9.05 -33.33
C PRO B 75 3.22 -7.83 -34.05
N LEU B 76 2.41 -7.24 -34.95
CA LEU B 76 2.75 -6.01 -35.64
C LEU B 76 1.99 -4.85 -34.99
N ALA B 77 2.72 -3.92 -34.35
CA ALA B 77 2.13 -2.80 -33.62
C ALA B 77 2.16 -1.54 -34.48
N VAL B 78 1.05 -0.79 -34.43
CA VAL B 78 0.84 0.42 -35.21
C VAL B 78 0.12 1.42 -34.31
N SER B 79 0.60 2.66 -34.24
CA SER B 79 -0.02 3.61 -33.31
C SER B 79 0.17 5.04 -33.78
N ALA B 80 -0.56 5.95 -33.14
CA ALA B 80 -0.51 7.36 -33.46
C ALA B 80 -1.15 8.12 -32.31
N PHE B 81 -1.05 9.46 -32.37
CA PHE B 81 -1.70 10.31 -31.38
C PHE B 81 -3.22 10.22 -31.47
N LEU B 82 -3.76 10.00 -32.67
CA LEU B 82 -5.19 9.94 -32.90
C LEU B 82 -5.49 8.72 -33.77
N THR B 83 -6.61 8.08 -33.51
CA THR B 83 -7.04 6.98 -34.38
C THR B 83 -7.03 7.37 -35.85
N SER B 84 -7.39 8.60 -36.16
CA SER B 84 -7.42 9.06 -37.53
C SER B 84 -6.08 8.91 -38.22
N ARG B 85 -5.01 9.26 -37.51
CA ARG B 85 -3.69 9.14 -38.05
C ARG B 85 -3.23 7.70 -37.98
N LYS B 86 -3.67 6.98 -36.96
CA LYS B 86 -3.36 5.55 -36.89
C LYS B 86 -3.86 4.80 -38.11
N LYS B 87 -5.13 5.03 -38.50
CA LYS B 87 -5.67 4.39 -39.69
C LYS B 87 -4.83 4.68 -40.93
N ALA B 88 -4.34 5.91 -41.06
CA ALA B 88 -3.56 6.29 -42.23
C ALA B 88 -2.22 5.57 -42.24
N ALA B 89 -1.62 5.37 -41.07
CA ALA B 89 -0.33 4.70 -41.00
C ALA B 89 -0.47 3.19 -41.26
N ALA B 90 -1.54 2.59 -40.74
CA ALA B 90 -1.86 1.21 -41.09
C ALA B 90 -1.98 1.06 -42.59
N ALA B 91 -2.67 1.99 -43.25
CA ALA B 91 -2.85 1.90 -44.69
C ALA B 91 -1.52 2.00 -45.42
N GLU B 92 -0.67 2.95 -45.00
CA GLU B 92 0.67 3.06 -45.57
C GLU B 92 1.46 1.78 -45.40
N LEU B 93 1.36 1.16 -44.22
CA LEU B 93 2.17 -0.02 -43.94
C LEU B 93 1.71 -1.22 -44.77
N ALA B 94 0.40 -1.42 -44.87
CA ALA B 94 -0.13 -2.42 -45.79
C ALA B 94 0.39 -2.23 -47.22
N ASP B 95 0.31 -1.00 -47.75
CA ASP B 95 0.76 -0.77 -49.12
C ASP B 95 2.24 -1.10 -49.29
N TRP B 96 3.06 -0.73 -48.30
CA TRP B 96 4.47 -1.07 -48.36
C TRP B 96 4.68 -2.58 -48.31
N MET B 97 3.96 -3.28 -47.43
CA MET B 97 4.13 -4.73 -47.32
C MET B 97 3.70 -5.44 -48.60
N GLN B 98 2.72 -4.88 -49.33
CA GLN B 98 2.39 -5.40 -50.65
C GLN B 98 3.52 -5.17 -51.63
N SER B 99 4.28 -4.09 -51.47
CA SER B 99 5.29 -3.68 -52.43
C SER B 99 6.47 -4.66 -52.45
N PRO B 100 7.31 -4.60 -53.50
CA PRO B 100 8.39 -5.61 -53.60
C PRO B 100 9.33 -5.62 -52.41
N GLU B 101 9.63 -4.46 -51.83
CA GLU B 101 10.59 -4.43 -50.72
C GLU B 101 9.98 -4.97 -49.44
N GLY B 102 8.70 -4.67 -49.18
CA GLY B 102 8.02 -5.29 -48.08
C GLY B 102 7.91 -6.78 -48.25
N GLN B 103 7.59 -7.23 -49.47
CA GLN B 103 7.53 -8.66 -49.76
C GLN B 103 8.84 -9.35 -49.44
N ALA B 104 9.97 -8.67 -49.60
CA ALA B 104 11.28 -9.27 -49.36
C ALA B 104 11.77 -9.12 -47.92
N SER B 105 10.92 -8.64 -47.02
CA SER B 105 11.29 -8.44 -45.63
C SER B 105 10.53 -9.46 -44.81
N SER B 106 11.22 -10.09 -43.87
CA SER B 106 10.56 -11.11 -43.07
C SER B 106 9.56 -10.48 -42.11
N LEU B 107 8.47 -11.22 -41.85
CA LEU B 107 7.48 -10.75 -40.88
C LEU B 107 8.14 -10.37 -39.56
N GLU B 108 9.08 -11.17 -39.09
CA GLU B 108 9.73 -10.88 -37.82
C GLU B 108 10.48 -9.55 -37.84
N SER B 109 11.21 -9.26 -38.92
CA SER B 109 11.98 -8.01 -38.96
C SER B 109 11.06 -6.80 -39.06
N ILE B 110 9.94 -6.95 -39.76
CA ILE B 110 8.92 -5.91 -39.76
C ILE B 110 8.44 -5.66 -38.33
N GLY B 111 8.04 -6.73 -37.62
CA GLY B 111 7.54 -6.57 -36.27
C GLY B 111 8.57 -5.96 -35.34
N ARG B 112 9.82 -6.41 -35.44
CA ARG B 112 10.86 -5.82 -34.62
C ARG B 112 11.02 -4.34 -34.93
N SER B 113 10.87 -3.95 -36.21
CA SER B 113 11.02 -2.54 -36.56
C SER B 113 9.89 -1.73 -35.97
N LEU B 114 8.65 -2.20 -36.13
CA LEU B 114 7.50 -1.53 -35.54
C LEU B 114 7.66 -1.36 -34.03
N SER B 115 8.21 -2.39 -33.35
CA SER B 115 8.28 -2.34 -31.89
C SER B 115 9.18 -1.22 -31.37
N ARG B 116 10.09 -0.69 -32.19
CA ARG B 116 11.00 0.38 -31.76
C ARG B 116 10.50 1.78 -32.11
N ARG B 117 9.30 1.88 -32.68
CA ARG B 117 8.66 3.17 -32.87
C ARG B 117 8.25 3.75 -31.52
N ASN B 118 8.00 5.06 -31.50
CA ASN B 118 7.32 5.59 -30.34
CA ASN B 118 7.26 5.70 -30.42
C ASN B 118 5.89 5.09 -30.35
N HIS B 119 5.34 4.90 -29.16
CA HIS B 119 4.05 4.21 -29.04
C HIS B 119 2.96 5.17 -28.58
N GLY B 120 2.21 5.70 -29.56
CA GLY B 120 1.17 6.67 -29.30
C GLY B 120 -0.05 6.10 -28.57
N ARG B 121 -0.97 7.02 -28.24
CA ARG B 121 -2.08 6.65 -27.36
C ARG B 121 -3.11 5.77 -28.08
N SER B 122 -3.33 6.00 -29.38
CA SER B 122 -4.22 5.16 -30.19
C SER B 122 -3.42 4.01 -30.78
N ARG B 123 -3.81 2.77 -30.45
CA ARG B 123 -2.99 1.61 -30.75
C ARG B 123 -3.79 0.53 -31.46
N ALA B 124 -3.06 -0.32 -32.18
CA ALA B 124 -3.63 -1.50 -32.79
C ALA B 124 -2.50 -2.52 -32.90
N VAL B 125 -2.85 -3.80 -32.82
CA VAL B 125 -1.90 -4.87 -33.11
C VAL B 125 -2.55 -5.81 -34.12
N VAL B 126 -1.82 -6.14 -35.17
CA VAL B 126 -2.23 -7.19 -36.09
C VAL B 126 -1.39 -8.43 -35.79
N LEU B 127 -2.07 -9.52 -35.47
CA LEU B 127 -1.43 -10.80 -35.23
C LEU B 127 -1.44 -11.59 -36.54
N ALA B 128 -0.24 -11.91 -37.05
CA ALA B 128 -0.12 -12.49 -38.39
C ALA B 128 0.94 -13.59 -38.44
N HIS B 129 0.69 -14.58 -39.30
CA HIS B 129 1.63 -15.66 -39.59
C HIS B 129 2.40 -15.43 -40.89
N ASP B 130 1.85 -14.66 -41.83
CA ASP B 130 2.45 -14.42 -43.13
C ASP B 130 2.05 -13.00 -43.59
N HIS B 131 2.60 -12.59 -44.74
CA HIS B 131 2.28 -11.25 -45.26
C HIS B 131 0.79 -11.08 -45.58
N ASP B 132 0.15 -12.13 -46.12
CA ASP B 132 -1.26 -12.00 -46.46
C ASP B 132 -2.09 -11.66 -45.22
N GLU B 133 -1.91 -12.43 -44.14
CA GLU B 133 -2.63 -12.13 -42.91
C GLU B 133 -2.31 -10.72 -42.43
N ALA B 134 -1.03 -10.35 -42.47
CA ALA B 134 -0.61 -9.03 -42.03
C ALA B 134 -1.34 -7.94 -42.81
N ILE B 135 -1.24 -7.97 -44.14
CA ILE B 135 -1.88 -6.95 -44.96
C ILE B 135 -3.38 -6.90 -44.69
N LYS B 136 -4.04 -8.06 -44.67
CA LYS B 136 -5.49 -8.05 -44.48
C LYS B 136 -5.87 -7.42 -43.14
N GLY B 137 -5.15 -7.78 -42.07
CA GLY B 137 -5.37 -7.14 -40.78
C GLY B 137 -5.16 -5.63 -40.83
N LEU B 138 -4.04 -5.20 -41.40
CA LEU B 138 -3.72 -3.76 -41.46
C LEU B 138 -4.78 -2.98 -42.23
N ARG B 139 -5.37 -3.59 -43.26
CA ARG B 139 -6.46 -2.94 -43.99
C ARG B 139 -7.68 -2.79 -43.10
N ALA B 140 -7.96 -3.80 -42.27
CA ALA B 140 -9.07 -3.71 -41.33
C ALA B 140 -8.87 -2.54 -40.38
N VAL B 141 -7.69 -2.45 -39.76
CA VAL B 141 -7.35 -1.27 -38.96
C VAL B 141 -7.61 0.01 -39.74
N ALA B 142 -7.07 0.08 -40.95
CA ALA B 142 -7.26 1.28 -41.76
C ALA B 142 -8.74 1.59 -41.98
N ALA B 143 -9.55 0.56 -42.26
CA ALA B 143 -10.97 0.74 -42.54
C ALA B 143 -11.83 0.84 -41.28
N GLY B 144 -11.24 0.79 -40.10
CA GLY B 144 -12.03 0.78 -38.88
C GLY B 144 -12.90 -0.45 -38.66
N LYS B 145 -12.62 -1.57 -39.33
CA LYS B 145 -13.44 -2.76 -39.17
C LYS B 145 -12.77 -3.80 -38.27
N GLN B 146 -13.60 -4.53 -37.54
CA GLN B 146 -13.10 -5.57 -36.66
C GLN B 146 -12.71 -6.81 -37.44
N ALA B 147 -11.71 -7.53 -36.90
CA ALA B 147 -11.14 -8.70 -37.53
C ALA B 147 -10.59 -9.60 -36.42
N PRO B 148 -10.57 -10.92 -36.61
CA PRO B 148 -10.30 -11.80 -35.46
C PRO B 148 -8.87 -11.67 -34.94
N ASN B 149 -7.91 -11.35 -35.81
CA ASN B 149 -6.52 -11.22 -35.43
C ASN B 149 -6.10 -9.78 -35.16
N VAL B 150 -7.06 -8.89 -34.91
CA VAL B 150 -6.81 -7.46 -34.78
C VAL B 150 -7.41 -6.96 -33.48
N PHE B 151 -6.62 -6.18 -32.75
CA PHE B 151 -7.04 -5.48 -31.53
C PHE B 151 -6.77 -4.00 -31.72
N SER B 152 -7.79 -3.16 -31.56
CA SER B 152 -7.60 -1.75 -31.84
C SER B 152 -8.46 -0.90 -30.91
N VAL B 153 -7.87 0.17 -30.39
CA VAL B 153 -8.55 1.08 -29.48
C VAL B 153 -8.15 2.52 -29.78
N ASP B 154 -9.02 3.45 -29.37
CA ASP B 154 -8.75 4.86 -29.65
C ASP B 154 -7.80 5.47 -28.64
N GLY B 155 -7.71 4.91 -27.45
CA GLY B 155 -6.88 5.44 -26.39
C GLY B 155 -6.72 4.44 -25.27
N PRO B 156 -5.91 4.78 -24.28
CA PRO B 156 -5.59 3.79 -23.23
C PRO B 156 -6.75 3.54 -22.29
N VAL B 157 -6.78 2.32 -21.76
CA VAL B 157 -7.56 2.03 -20.57
C VAL B 157 -6.81 2.55 -19.36
N THR B 158 -7.47 3.35 -18.54
CA THR B 158 -6.74 4.15 -17.56
C THR B 158 -6.62 3.54 -16.16
N THR B 159 -7.42 2.52 -15.82
CA THR B 159 -7.18 1.70 -14.63
C THR B 159 -6.49 0.39 -15.03
N GLY B 160 -5.55 -0.05 -14.20
CA GLY B 160 -4.82 -1.27 -14.47
C GLY B 160 -5.65 -2.56 -14.42
N PRO B 161 -5.09 -3.65 -14.92
CA PRO B 161 -5.89 -4.87 -15.08
C PRO B 161 -5.98 -5.66 -13.78
N VAL B 162 -7.05 -6.44 -13.69
CA VAL B 162 -7.27 -7.35 -12.57
C VAL B 162 -6.86 -8.73 -13.02
N TRP B 163 -5.87 -9.30 -12.32
CA TRP B 163 -5.48 -10.68 -12.57
C TRP B 163 -6.44 -11.64 -11.85
N VAL B 164 -6.99 -12.59 -12.62
CA VAL B 164 -7.91 -13.60 -12.13
C VAL B 164 -7.16 -14.92 -11.96
N LEU B 165 -7.08 -15.41 -10.72
CA LEU B 165 -6.48 -16.70 -10.41
C LEU B 165 -7.59 -17.64 -9.93
N ALA B 166 -8.07 -18.53 -10.82
CA ALA B 166 -9.15 -19.45 -10.46
C ALA B 166 -8.62 -20.88 -10.47
N GLY B 167 -9.18 -21.75 -11.31
CA GLY B 167 -8.66 -23.11 -11.41
C GLY B 167 -9.69 -24.21 -11.59
N PHE B 168 -10.89 -24.03 -11.02
CA PHE B 168 -11.91 -25.07 -11.10
C PHE B 168 -12.24 -25.37 -12.54
N GLY B 169 -12.25 -26.67 -12.87
CA GLY B 169 -12.63 -27.12 -14.19
C GLY B 169 -11.63 -26.86 -15.29
N ALA B 170 -10.45 -26.33 -14.98
CA ALA B 170 -9.57 -25.84 -16.04
C ALA B 170 -8.52 -26.85 -16.46
N GLN B 171 -8.38 -27.96 -15.74
CA GLN B 171 -7.30 -28.90 -15.99
C GLN B 171 -7.57 -29.72 -17.25
N HIS B 172 -6.47 -30.16 -17.87
CA HIS B 172 -6.50 -31.15 -18.94
C HIS B 172 -5.12 -31.79 -19.03
N ARG B 173 -5.07 -32.97 -19.66
CA ARG B 173 -3.95 -33.90 -19.48
C ARG B 173 -2.60 -33.28 -19.86
N LYS B 174 -2.54 -32.51 -20.95
CA LYS B 174 -1.27 -31.94 -21.39
C LYS B 174 -1.11 -30.47 -21.03
N MET B 175 -1.93 -29.95 -20.12
CA MET B 175 -1.81 -28.57 -19.68
C MET B 175 -0.35 -28.17 -19.38
N GLY B 176 0.08 -27.08 -20.03
CA GLY B 176 1.36 -26.46 -19.74
C GLY B 176 2.59 -27.11 -20.35
N LYS B 177 2.44 -28.25 -21.05
CA LYS B 177 3.62 -28.99 -21.52
C LYS B 177 4.30 -28.29 -22.68
N SER B 178 3.51 -27.86 -23.69
CA SER B 178 4.07 -27.18 -24.84
C SER B 178 4.79 -25.90 -24.43
N LEU B 179 4.18 -25.09 -23.56
CA LEU B 179 4.87 -23.88 -23.15
C LEU B 179 6.12 -24.19 -22.32
N TYR B 180 6.11 -25.27 -21.54
CA TYR B 180 7.32 -25.62 -20.78
C TYR B 180 8.47 -25.97 -21.72
N LEU B 181 8.16 -26.74 -22.77
CA LEU B 181 9.19 -27.16 -23.71
C LEU B 181 9.76 -25.99 -24.50
N ARG B 182 8.93 -24.98 -24.83
CA ARG B 182 9.29 -23.95 -25.81
C ARG B 182 9.52 -22.55 -25.23
N ASN B 183 9.57 -22.37 -23.92
CA ASN B 183 9.69 -21.02 -23.35
C ASN B 183 10.54 -21.08 -22.09
N GLU B 184 11.76 -20.52 -22.14
CA GLU B 184 12.72 -20.73 -21.05
C GLU B 184 12.27 -20.04 -19.78
N VAL B 185 11.65 -18.87 -19.89
CA VAL B 185 11.20 -18.14 -18.71
C VAL B 185 10.06 -18.91 -18.03
N PHE B 186 9.06 -19.32 -18.81
CA PHE B 186 8.02 -20.19 -18.25
C PHE B 186 8.64 -21.39 -17.55
N ALA B 187 9.49 -22.13 -18.28
CA ALA B 187 10.10 -23.35 -17.75
C ALA B 187 10.88 -23.07 -16.47
N ALA B 188 11.64 -21.97 -16.44
CA ALA B 188 12.42 -21.65 -15.25
C ALA B 188 11.54 -21.60 -14.01
N TRP B 189 10.33 -21.06 -14.15
CA TRP B 189 9.45 -20.89 -12.99
C TRP B 189 8.73 -22.19 -12.64
N ILE B 190 8.33 -22.97 -13.64
CA ILE B 190 7.78 -24.29 -13.36
C ILE B 190 8.76 -25.07 -12.49
N GLU B 191 10.02 -25.06 -12.88
CA GLU B 191 11.00 -25.80 -12.10
C GLU B 191 11.18 -25.22 -10.71
N LYS B 192 11.03 -23.90 -10.54
CA LYS B 192 11.12 -23.36 -9.19
C LYS B 192 9.99 -23.90 -8.34
N VAL B 193 8.78 -24.00 -8.90
CA VAL B 193 7.66 -24.51 -8.11
C VAL B 193 7.76 -26.03 -7.96
N ASP B 194 8.30 -26.71 -8.98
CA ASP B 194 8.55 -28.15 -8.88
C ASP B 194 9.50 -28.47 -7.74
N ALA B 195 10.58 -27.69 -7.60
CA ALA B 195 11.49 -27.90 -6.49
C ALA B 195 10.78 -27.72 -5.14
N LEU B 196 9.96 -26.69 -5.02
CA LEU B 196 9.26 -26.43 -3.76
C LEU B 196 8.26 -27.54 -3.43
N VAL B 197 7.58 -28.08 -4.44
CA VAL B 197 6.53 -29.04 -4.16
C VAL B 197 7.12 -30.42 -3.92
N GLN B 198 8.25 -30.75 -4.57
CA GLN B 198 9.03 -31.91 -4.15
C GLN B 198 9.37 -31.80 -2.67
N ASP B 199 9.80 -30.61 -2.25
CA ASP B 199 10.25 -30.45 -0.89
C ASP B 199 9.09 -30.50 0.11
N GLU B 200 7.88 -30.09 -0.28
CA GLU B 200 6.76 -30.11 0.64
C GLU B 200 6.02 -31.44 0.62
N LEU B 201 5.82 -32.01 -0.57
CA LEU B 201 4.98 -33.18 -0.76
C LEU B 201 5.72 -34.40 -1.29
N GLY B 202 6.98 -34.25 -1.70
CA GLY B 202 7.77 -35.39 -2.10
C GLY B 202 7.44 -35.98 -3.45
N TYR B 203 6.91 -35.21 -4.38
CA TYR B 203 6.79 -35.67 -5.75
C TYR B 203 7.04 -34.52 -6.71
N SER B 204 7.17 -34.86 -8.00
CA SER B 204 7.53 -33.90 -9.03
C SER B 204 6.29 -33.56 -9.84
N VAL B 205 5.82 -32.32 -9.70
CA VAL B 205 4.78 -31.78 -10.55
C VAL B 205 5.22 -31.76 -12.01
N LEU B 206 6.52 -31.46 -12.25
CA LEU B 206 6.99 -31.41 -13.63
C LEU B 206 6.95 -32.78 -14.31
N GLU B 207 6.99 -33.86 -13.54
CA GLU B 207 6.83 -35.18 -14.15
C GLU B 207 5.43 -35.38 -14.69
N LEU B 208 4.41 -34.91 -13.96
CA LEU B 208 3.02 -34.98 -14.43
C LEU B 208 2.85 -34.19 -15.72
N ILE B 209 3.41 -32.98 -15.77
CA ILE B 209 3.25 -32.14 -16.95
C ILE B 209 3.80 -32.84 -18.18
N LEU B 210 4.96 -33.47 -18.05
CA LEU B 210 5.67 -34.04 -19.18
C LEU B 210 5.16 -35.42 -19.59
N ASP B 211 4.48 -36.12 -18.71
CA ASP B 211 4.05 -37.50 -18.95
C ASP B 211 2.57 -37.52 -19.35
N ASP B 212 2.32 -37.75 -20.65
CA ASP B 212 0.95 -37.83 -21.16
C ASP B 212 0.20 -39.03 -20.61
N ALA B 213 0.90 -40.07 -20.18
CA ALA B 213 0.23 -41.26 -19.66
C ALA B 213 -0.63 -40.97 -18.43
N GLN B 214 -0.26 -39.95 -17.66
CA GLN B 214 -0.86 -39.63 -16.37
C GLN B 214 -1.97 -38.61 -16.52
N ASP B 215 -3.01 -38.74 -15.71
CA ASP B 215 -3.91 -37.61 -15.54
C ASP B 215 -3.95 -37.19 -14.08
N TYR B 216 -4.61 -36.07 -13.83
CA TYR B 216 -4.54 -35.41 -12.54
C TYR B 216 -5.70 -35.85 -11.66
N GLY B 217 -5.50 -35.73 -10.36
CA GLY B 217 -6.55 -36.03 -9.40
C GLY B 217 -6.82 -34.91 -8.43
N ILE B 218 -7.60 -35.20 -7.38
CA ILE B 218 -8.02 -34.17 -6.44
C ILE B 218 -6.84 -33.33 -5.98
N GLU B 219 -5.72 -34.00 -5.66
CA GLU B 219 -4.58 -33.28 -5.13
C GLU B 219 -3.72 -32.69 -6.25
N THR B 220 -3.32 -33.51 -7.21
CA THR B 220 -2.32 -33.08 -8.18
C THR B 220 -2.87 -32.04 -9.16
N THR B 221 -4.17 -32.04 -9.43
CA THR B 221 -4.77 -30.95 -10.21
C THR B 221 -4.44 -29.60 -9.60
N GLN B 222 -4.63 -29.47 -8.28
CA GLN B 222 -4.56 -28.17 -7.64
C GLN B 222 -3.12 -27.65 -7.59
N VAL B 223 -2.15 -28.52 -7.25
CA VAL B 223 -0.78 -28.03 -7.17
C VAL B 223 -0.22 -27.76 -8.56
N THR B 224 -0.61 -28.57 -9.57
CA THR B 224 -0.12 -28.31 -10.92
C THR B 224 -0.72 -27.04 -11.51
N ILE B 225 -2.04 -26.85 -11.40
CA ILE B 225 -2.63 -25.59 -11.85
C ILE B 225 -1.95 -24.41 -11.16
N PHE B 226 -1.72 -24.52 -9.85
CA PHE B 226 -0.93 -23.52 -9.12
C PHE B 226 0.39 -23.24 -9.83
N ALA B 227 1.19 -24.29 -10.04
CA ALA B 227 2.50 -24.15 -10.71
C ALA B 227 2.38 -23.33 -11.99
N ILE B 228 1.46 -23.72 -12.87
CA ILE B 228 1.24 -22.99 -14.11
C ILE B 228 0.83 -21.54 -13.84
N GLN B 229 -0.01 -21.30 -12.82
CA GLN B 229 -0.45 -19.93 -12.54
C GLN B 229 0.75 -19.06 -12.15
N ILE B 230 1.67 -19.62 -11.36
CA ILE B 230 2.84 -18.87 -10.93
C ILE B 230 3.75 -18.58 -12.11
N ALA B 231 3.94 -19.54 -12.99
CA ALA B 231 4.84 -19.35 -14.12
C ALA B 231 4.23 -18.47 -15.20
N LEU B 232 2.93 -18.59 -15.44
CA LEU B 232 2.30 -17.64 -16.36
C LEU B 232 2.48 -16.21 -15.87
N GLY B 233 2.18 -15.97 -14.60
CA GLY B 233 2.25 -14.62 -14.08
C GLY B 233 3.66 -14.06 -14.06
N GLU B 234 4.64 -14.91 -13.73
CA GLU B 234 6.01 -14.42 -13.75
C GLU B 234 6.51 -14.26 -15.19
N LEU B 235 6.05 -15.10 -16.12
CA LEU B 235 6.34 -14.84 -17.53
C LEU B 235 5.85 -13.45 -17.93
N LEU B 236 4.63 -13.10 -17.52
CA LEU B 236 4.10 -11.79 -17.84
C LEU B 236 4.92 -10.68 -17.17
N ARG B 237 5.32 -10.88 -15.92
CA ARG B 237 6.17 -9.90 -15.26
C ARG B 237 7.47 -9.70 -16.03
N HIS B 238 8.08 -10.81 -16.47
CA HIS B 238 9.32 -10.77 -17.25
C HIS B 238 9.26 -9.77 -18.39
N HIS B 239 8.10 -9.65 -19.04
CA HIS B 239 7.93 -8.74 -20.16
C HIS B 239 7.33 -7.40 -19.75
N GLY B 240 7.33 -7.07 -18.45
CA GLY B 240 6.94 -5.76 -17.99
C GLY B 240 5.54 -5.61 -17.44
N ALA B 241 4.75 -6.68 -17.35
CA ALA B 241 3.39 -6.55 -16.86
C ALA B 241 3.35 -6.62 -15.33
N LYS B 242 2.22 -6.15 -14.78
CA LYS B 242 1.94 -6.06 -13.35
C LYS B 242 0.42 -6.07 -13.18
N PRO B 243 -0.10 -6.78 -12.19
CA PRO B 243 -1.51 -6.60 -11.83
C PRO B 243 -1.70 -5.25 -11.13
N ALA B 244 -2.84 -4.60 -11.43
CA ALA B 244 -3.27 -3.52 -10.56
C ALA B 244 -3.95 -4.07 -9.31
N ALA B 245 -4.72 -5.15 -9.47
CA ALA B 245 -5.27 -5.91 -8.36
C ALA B 245 -5.40 -7.35 -8.82
N VAL B 246 -5.67 -8.24 -7.85
CA VAL B 246 -5.90 -9.65 -8.08
C VAL B 246 -7.27 -10.05 -7.55
N ILE B 247 -7.74 -11.20 -8.01
CA ILE B 247 -8.96 -11.81 -7.49
C ILE B 247 -8.78 -13.32 -7.58
N GLY B 248 -9.11 -14.00 -6.49
CA GLY B 248 -8.93 -15.44 -6.43
C GLY B 248 -10.24 -16.18 -6.51
N GLN B 249 -10.19 -17.45 -6.90
CA GLN B 249 -11.37 -18.30 -6.87
C GLN B 249 -10.96 -19.70 -6.41
N SER B 250 -11.17 -20.00 -5.12
CA SER B 250 -10.99 -21.33 -4.54
C SER B 250 -9.53 -21.76 -4.68
N LEU B 251 -9.24 -22.86 -5.39
CA LEU B 251 -7.90 -23.31 -5.74
C LEU B 251 -6.91 -22.17 -5.92
N GLY B 252 -7.29 -21.16 -6.72
CA GLY B 252 -6.36 -20.13 -7.13
C GLY B 252 -6.07 -19.07 -6.10
N GLU B 253 -6.67 -19.15 -4.91
CA GLU B 253 -6.42 -18.16 -3.87
C GLU B 253 -4.94 -18.10 -3.51
N ALA B 254 -4.28 -19.25 -3.43
CA ALA B 254 -2.85 -19.30 -3.09
C ALA B 254 -2.01 -18.49 -4.08
N ALA B 255 -2.24 -18.68 -5.39
CA ALA B 255 -1.49 -17.88 -6.36
C ALA B 255 -1.86 -16.41 -6.24
N SER B 256 -3.13 -16.10 -6.02
CA SER B 256 -3.54 -14.70 -5.90
C SER B 256 -2.81 -14.01 -4.75
N ALA B 257 -2.48 -14.73 -3.68
CA ALA B 257 -1.77 -14.12 -2.58
C ALA B 257 -0.31 -13.87 -2.91
N TYR B 258 0.28 -14.74 -3.72
CA TYR B 258 1.65 -14.51 -4.13
C TYR B 258 1.74 -13.28 -5.02
N PHE B 259 0.85 -13.15 -6.00
CA PHE B 259 0.96 -12.03 -6.92
C PHE B 259 0.54 -10.73 -6.28
N ALA B 260 -0.17 -10.78 -5.17
CA ALA B 260 -0.50 -9.57 -4.44
C ALA B 260 0.52 -9.24 -3.35
N GLY B 261 1.64 -9.96 -3.29
CA GLY B 261 2.62 -9.71 -2.23
C GLY B 261 2.16 -10.02 -0.82
N GLY B 262 1.21 -10.93 -0.64
CA GLY B 262 0.77 -11.31 0.69
C GLY B 262 1.55 -12.46 1.30
N LEU B 263 2.24 -13.25 0.46
CA LEU B 263 2.99 -14.41 0.90
C LEU B 263 4.17 -14.57 -0.02
N SER B 264 5.30 -15.00 0.52
CA SER B 264 6.42 -15.44 -0.31
C SER B 264 5.97 -16.56 -1.23
N LEU B 265 6.79 -16.86 -2.25
CA LEU B 265 6.46 -18.01 -3.09
C LEU B 265 6.45 -19.29 -2.25
N ARG B 266 7.36 -19.38 -1.27
CA ARG B 266 7.41 -20.56 -0.42
C ARG B 266 6.13 -20.73 0.39
N ASP B 267 5.70 -19.66 1.05
CA ASP B 267 4.52 -19.79 1.90
C ASP B 267 3.23 -19.95 1.09
N ALA B 268 3.19 -19.40 -0.13
CA ALA B 268 2.04 -19.65 -1.00
C ALA B 268 2.01 -21.09 -1.48
N THR B 269 3.19 -21.70 -1.71
CA THR B 269 3.21 -23.12 -2.00
C THR B 269 2.82 -23.95 -0.77
N ARG B 270 3.13 -23.48 0.43
CA ARG B 270 2.62 -24.18 1.60
C ARG B 270 1.10 -24.10 1.64
N ALA B 271 0.51 -22.97 1.27
CA ALA B 271 -0.95 -22.86 1.32
C ALA B 271 -1.63 -23.80 0.33
N ILE B 272 -1.11 -23.94 -0.89
CA ILE B 272 -1.79 -24.81 -1.86
C ILE B 272 -1.50 -26.29 -1.60
N CYS B 273 -0.38 -26.62 -0.96
CA CYS B 273 -0.02 -28.02 -0.73
C CYS B 273 -0.81 -28.62 0.44
N SER B 274 -0.96 -27.86 1.52
CA SER B 274 -1.75 -28.39 2.62
C SER B 274 -3.20 -28.56 2.21
N ARG B 275 -3.82 -27.49 1.70
CA ARG B 275 -5.15 -27.56 1.11
C ARG B 275 -5.32 -28.76 0.16
N SER B 276 -4.34 -29.00 -0.70
CA SER B 276 -4.50 -30.02 -1.75
C SER B 276 -4.43 -31.44 -1.18
N HIS B 277 -3.36 -31.77 -0.44
CA HIS B 277 -3.23 -33.16 -0.01
C HIS B 277 -4.17 -33.50 1.16
N LEU B 278 -4.52 -32.51 1.99
CA LEU B 278 -5.55 -32.74 3.00
C LEU B 278 -6.88 -33.04 2.33
N MET B 279 -7.18 -32.36 1.23
CA MET B 279 -8.40 -32.70 0.52
C MET B 279 -8.29 -34.08 -0.11
N GLY B 280 -7.13 -34.40 -0.69
CA GLY B 280 -6.96 -35.72 -1.28
C GLY B 280 -7.09 -36.83 -0.26
N GLU B 281 -6.55 -36.61 0.94
CA GLU B 281 -6.58 -37.63 1.98
C GLU B 281 -7.95 -37.72 2.62
N GLY B 282 -8.58 -36.57 2.89
CA GLY B 282 -9.92 -36.58 3.49
C GLY B 282 -10.91 -37.47 2.76
N GLU B 283 -10.66 -37.71 1.47
CA GLU B 283 -11.55 -38.53 0.64
C GLU B 283 -11.49 -40.02 0.99
N ALA B 284 -10.51 -40.47 1.78
CA ALA B 284 -10.47 -41.87 2.20
C ALA B 284 -11.60 -42.21 3.18
N MET B 285 -12.10 -41.23 3.91
CA MET B 285 -13.24 -41.42 4.78
C MET B 285 -14.57 -41.42 4.03
N LEU B 286 -14.55 -41.25 2.71
CA LEU B 286 -15.75 -40.90 1.96
C LEU B 286 -16.16 -42.03 1.05
N PHE B 287 -17.39 -42.48 1.20
CA PHE B 287 -17.98 -43.57 0.44
C PHE B 287 -19.48 -43.40 0.52
N GLY B 288 -20.19 -44.09 -0.38
CA GLY B 288 -21.63 -44.19 -0.30
C GLY B 288 -22.39 -42.89 -0.08
N GLU B 289 -23.11 -42.78 1.05
CA GLU B 289 -23.92 -41.60 1.33
C GLU B 289 -23.10 -40.32 1.26
N TYR B 290 -21.83 -40.40 1.64
CA TYR B 290 -20.98 -39.23 1.86
C TYR B 290 -20.42 -38.61 0.58
N ILE B 291 -20.43 -39.32 -0.55
CA ILE B 291 -19.85 -38.78 -1.78
C ILE B 291 -20.58 -37.52 -2.22
N ARG B 292 -19.80 -36.52 -2.59
CA ARG B 292 -20.33 -35.29 -3.16
C ARG B 292 -19.59 -35.02 -4.46
N LEU B 293 -20.34 -34.89 -5.55
CA LEU B 293 -19.76 -34.35 -6.78
C LEU B 293 -19.75 -32.83 -6.71
N MET B 294 -18.98 -32.24 -7.61
CA MET B 294 -18.95 -30.79 -7.79
C MET B 294 -19.22 -30.47 -9.25
N ALA B 295 -19.81 -29.31 -9.49
CA ALA B 295 -20.24 -28.99 -10.84
C ALA B 295 -20.34 -27.49 -11.01
N LEU B 296 -19.95 -27.02 -12.19
CA LEU B 296 -20.27 -25.66 -12.64
C LEU B 296 -21.53 -25.74 -13.49
N VAL B 297 -22.55 -24.96 -13.13
CA VAL B 297 -23.84 -25.02 -13.82
C VAL B 297 -24.36 -23.61 -14.04
N GLU B 298 -24.97 -23.39 -15.22
CA GLU B 298 -25.53 -22.08 -15.58
C GLU B 298 -26.93 -21.94 -14.98
N TYR B 299 -26.94 -21.88 -13.64
CA TYR B 299 -28.11 -21.59 -12.82
C TYR B 299 -27.68 -20.65 -11.71
N SER B 300 -28.59 -19.77 -11.31
CA SER B 300 -28.29 -18.84 -10.24
C SER B 300 -28.33 -19.54 -8.88
N ALA B 301 -27.73 -18.90 -7.88
CA ALA B 301 -27.83 -19.44 -6.53
C ALA B 301 -29.29 -19.56 -6.12
N ASP B 302 -30.12 -18.60 -6.52
CA ASP B 302 -31.53 -18.68 -6.15
C ASP B 302 -32.24 -19.78 -6.90
N GLU B 303 -31.99 -19.91 -8.21
CA GLU B 303 -32.57 -21.03 -8.94
C GLU B 303 -32.16 -22.36 -8.33
N ILE B 304 -30.88 -22.51 -7.97
CA ILE B 304 -30.42 -23.75 -7.31
C ILE B 304 -31.25 -24.01 -6.06
N ARG B 305 -31.29 -23.04 -5.16
CA ARG B 305 -32.01 -23.20 -3.89
C ARG B 305 -33.51 -23.39 -4.07
N GLU B 306 -34.15 -22.49 -4.82
CA GLU B 306 -35.62 -22.52 -4.86
C GLU B 306 -36.15 -23.40 -5.98
N VAL B 307 -35.73 -23.17 -7.22
CA VAL B 307 -36.24 -23.95 -8.35
C VAL B 307 -35.86 -25.43 -8.27
N PHE B 308 -34.81 -25.79 -7.52
CA PHE B 308 -34.43 -27.19 -7.37
C PHE B 308 -34.43 -27.62 -5.90
N SER B 309 -35.34 -27.06 -5.09
CA SER B 309 -35.44 -27.48 -3.71
C SER B 309 -35.86 -28.94 -3.57
N ASP B 310 -36.34 -29.55 -4.64
CA ASP B 310 -36.58 -30.98 -4.60
C ASP B 310 -35.28 -31.77 -4.74
N PHE B 311 -34.13 -31.10 -4.72
CA PHE B 311 -32.82 -31.72 -4.50
C PHE B 311 -32.20 -30.95 -3.34
N PRO B 312 -32.52 -31.33 -2.10
CA PRO B 312 -32.20 -30.46 -0.95
C PRO B 312 -30.73 -30.48 -0.55
N ASP B 313 -29.96 -31.43 -1.05
CA ASP B 313 -28.59 -31.60 -0.62
C ASP B 313 -27.58 -31.01 -1.60
N LEU B 314 -28.03 -30.18 -2.53
CA LEU B 314 -27.15 -29.31 -3.28
C LEU B 314 -26.71 -28.14 -2.39
N GLU B 315 -25.47 -27.70 -2.58
CA GLU B 315 -24.89 -26.60 -1.82
C GLU B 315 -24.22 -25.63 -2.79
N VAL B 316 -24.27 -24.35 -2.45
CA VAL B 316 -23.58 -23.34 -3.26
C VAL B 316 -22.16 -23.17 -2.73
N CYS B 317 -21.18 -23.60 -3.55
CA CYS B 317 -19.78 -23.51 -3.18
C CYS B 317 -19.14 -22.21 -3.69
N VAL B 318 -19.42 -21.84 -4.95
CA VAL B 318 -18.88 -20.61 -5.55
C VAL B 318 -20.02 -19.90 -6.27
N TYR B 319 -20.28 -18.64 -5.89
CA TYR B 319 -21.12 -17.73 -6.67
C TYR B 319 -20.28 -17.25 -7.84
N ALA B 320 -20.31 -18.00 -8.93
CA ALA B 320 -19.38 -17.73 -10.04
C ALA B 320 -19.81 -16.50 -10.84
N ALA B 321 -21.11 -16.33 -11.03
CA ALA B 321 -21.66 -15.27 -11.88
C ALA B 321 -23.10 -15.07 -11.47
N PRO B 322 -23.79 -14.05 -12.02
CA PRO B 322 -25.23 -13.97 -11.73
C PRO B 322 -25.97 -15.22 -12.15
N THR B 323 -25.55 -15.88 -13.22
CA THR B 323 -26.29 -17.05 -13.69
C THR B 323 -25.40 -18.28 -13.78
N GLN B 324 -24.32 -18.34 -12.99
CA GLN B 324 -23.48 -19.54 -13.00
C GLN B 324 -23.00 -19.80 -11.58
N THR B 325 -23.13 -21.05 -11.14
CA THR B 325 -22.80 -21.44 -9.77
C THR B 325 -21.90 -22.68 -9.80
N VAL B 326 -20.96 -22.75 -8.86
CA VAL B 326 -20.30 -24.03 -8.58
C VAL B 326 -21.02 -24.64 -7.39
N ILE B 327 -21.53 -25.85 -7.58
CA ILE B 327 -22.35 -26.52 -6.59
C ILE B 327 -21.65 -27.79 -6.15
N GLY B 328 -22.05 -28.25 -4.96
CA GLY B 328 -21.72 -29.59 -4.50
C GLY B 328 -23.00 -30.32 -4.17
N GLY B 329 -23.01 -31.61 -4.43
CA GLY B 329 -24.17 -32.41 -4.12
C GLY B 329 -23.95 -33.89 -4.27
N PRO B 330 -24.89 -34.68 -3.74
CA PRO B 330 -24.81 -36.13 -3.95
C PRO B 330 -24.87 -36.44 -5.42
N PRO B 331 -24.27 -37.55 -5.84
CA PRO B 331 -24.16 -37.82 -7.30
C PRO B 331 -25.48 -37.80 -8.05
N GLU B 332 -26.53 -38.39 -7.48
CA GLU B 332 -27.77 -38.46 -8.23
C GLU B 332 -28.41 -37.08 -8.37
N GLN B 333 -28.28 -36.21 -7.37
CA GLN B 333 -28.85 -34.87 -7.46
C GLN B 333 -28.07 -34.01 -8.46
N VAL B 334 -26.72 -34.03 -8.37
CA VAL B 334 -25.89 -33.31 -9.33
C VAL B 334 -26.15 -33.80 -10.75
N ASP B 335 -26.33 -35.11 -10.92
CA ASP B 335 -26.63 -35.64 -12.25
C ASP B 335 -27.99 -35.17 -12.75
N ALA B 336 -28.96 -35.02 -11.83
CA ALA B 336 -30.25 -34.45 -12.20
C ALA B 336 -30.10 -33.02 -12.70
N ILE B 337 -29.41 -32.18 -11.91
CA ILE B 337 -29.19 -30.78 -12.28
C ILE B 337 -28.57 -30.70 -13.67
N LEU B 338 -27.49 -31.46 -13.89
CA LEU B 338 -26.84 -31.46 -15.19
C LEU B 338 -27.79 -31.85 -16.31
N ALA B 339 -28.65 -32.84 -16.06
CA ALA B 339 -29.58 -33.31 -17.09
C ALA B 339 -30.55 -32.21 -17.51
N ARG B 340 -31.11 -31.50 -16.53
CA ARG B 340 -32.00 -30.38 -16.81
C ARG B 340 -31.27 -29.31 -17.63
N ALA B 341 -30.00 -29.03 -17.32
CA ALA B 341 -29.25 -28.02 -18.05
C ALA B 341 -29.00 -28.42 -19.50
N GLU B 342 -28.79 -29.72 -19.76
CA GLU B 342 -28.72 -30.17 -21.15
C GLU B 342 -30.07 -29.97 -21.85
N ALA B 343 -31.18 -30.19 -21.14
CA ALA B 343 -32.53 -29.97 -21.65
C ALA B 343 -32.83 -28.50 -21.93
N GLU B 344 -31.99 -27.57 -21.46
CA GLU B 344 -32.25 -26.15 -21.64
C GLU B 344 -31.09 -25.45 -22.31
N GLY B 345 -30.14 -26.21 -22.87
CA GLY B 345 -29.03 -25.60 -23.57
C GLY B 345 -28.14 -24.73 -22.71
N LYS B 346 -28.17 -24.93 -21.40
CA LYS B 346 -27.32 -24.21 -20.47
C LYS B 346 -26.05 -25.01 -20.21
N PHE B 347 -24.97 -24.29 -19.92
CA PHE B 347 -23.71 -24.95 -19.63
C PHE B 347 -23.80 -25.70 -18.29
N ALA B 348 -23.23 -26.92 -18.26
CA ALA B 348 -23.04 -27.66 -17.02
C ALA B 348 -21.82 -28.55 -17.17
N ARG B 349 -21.05 -28.72 -16.09
CA ARG B 349 -19.89 -29.60 -16.15
C ARG B 349 -19.52 -30.11 -14.75
N LYS B 350 -19.25 -31.41 -14.65
CA LYS B 350 -18.88 -32.09 -13.41
C LYS B 350 -17.38 -31.99 -13.14
N PHE B 351 -17.00 -32.34 -11.91
CA PHE B 351 -15.64 -32.75 -11.57
C PHE B 351 -15.80 -33.87 -10.54
N ALA B 352 -15.20 -35.04 -10.82
CA ALA B 352 -15.46 -36.25 -10.04
C ALA B 352 -14.67 -36.23 -8.73
N THR B 353 -15.21 -35.50 -7.76
CA THR B 353 -14.69 -35.43 -6.42
C THR B 353 -15.48 -36.38 -5.51
N LYS B 354 -15.14 -36.37 -4.25
CA LYS B 354 -15.89 -37.08 -3.24
C LYS B 354 -16.21 -36.18 -2.07
N GLY B 355 -15.28 -35.30 -1.69
CA GLY B 355 -15.55 -34.19 -0.79
C GLY B 355 -15.56 -32.90 -1.59
N ALA B 356 -16.45 -32.00 -1.22
CA ALA B 356 -16.63 -30.74 -1.92
C ALA B 356 -16.06 -29.61 -1.05
N SER B 357 -15.15 -28.83 -1.61
CA SER B 357 -14.63 -27.70 -0.86
C SER B 357 -15.75 -26.70 -0.57
N HIS B 358 -15.52 -25.80 0.40
CA HIS B 358 -16.49 -24.73 0.73
C HIS B 358 -17.79 -25.31 1.30
N THR B 359 -17.72 -26.50 1.89
CA THR B 359 -18.80 -27.16 2.58
C THR B 359 -18.26 -27.73 3.90
N SER B 360 -19.17 -28.25 4.73
CA SER B 360 -18.81 -28.82 6.03
C SER B 360 -17.94 -30.07 5.90
N GLN B 361 -17.90 -30.69 4.72
CA GLN B 361 -16.91 -31.73 4.50
C GLN B 361 -15.48 -31.25 4.71
N MET B 362 -15.23 -29.95 4.77
CA MET B 362 -13.89 -29.48 5.03
C MET B 362 -13.58 -29.50 6.53
N ASP B 363 -14.62 -29.50 7.37
CA ASP B 363 -14.45 -29.46 8.82
C ASP B 363 -13.42 -30.46 9.36
N PRO B 364 -13.43 -31.74 8.98
CA PRO B 364 -12.39 -32.65 9.52
C PRO B 364 -10.96 -32.23 9.18
N LEU B 365 -10.76 -31.37 8.19
CA LEU B 365 -9.42 -31.05 7.74
C LEU B 365 -8.84 -29.81 8.41
N LEU B 366 -9.68 -28.96 9.01
CA LEU B 366 -9.22 -27.65 9.42
C LEU B 366 -8.17 -27.74 10.51
N GLY B 367 -8.33 -28.69 11.44
CA GLY B 367 -7.36 -28.82 12.51
C GLY B 367 -5.98 -29.11 11.97
N GLU B 368 -5.88 -30.02 11.02
CA GLU B 368 -4.60 -30.37 10.43
C GLU B 368 -4.06 -29.23 9.57
N LEU B 369 -4.92 -28.56 8.80
CA LEU B 369 -4.51 -27.40 8.03
C LEU B 369 -3.90 -26.34 8.93
N THR B 370 -4.53 -26.09 10.08
CA THR B 370 -3.99 -25.12 11.03
C THR B 370 -2.57 -25.49 11.43
N ALA B 371 -2.34 -26.77 11.72
CA ALA B 371 -1.03 -27.17 12.19
C ALA B 371 0.00 -27.01 11.09
N GLU B 372 -0.34 -27.47 9.88
CA GLU B 372 0.61 -27.47 8.79
C GLU B 372 1.01 -26.06 8.37
N LEU B 373 0.15 -25.06 8.58
CA LEU B 373 0.41 -23.72 8.09
C LEU B 373 1.03 -22.78 9.13
N GLN B 374 1.28 -23.25 10.34
CA GLN B 374 1.98 -22.42 11.32
C GLN B 374 3.32 -21.98 10.73
N GLY B 375 3.73 -20.75 11.02
CA GLY B 375 5.00 -20.27 10.54
C GLY B 375 5.03 -19.69 9.14
N ILE B 376 3.92 -19.70 8.39
CA ILE B 376 3.85 -18.83 7.22
C ILE B 376 3.82 -17.38 7.70
N LYS B 377 4.36 -16.47 6.86
CA LYS B 377 4.55 -15.07 7.22
C LYS B 377 3.75 -14.18 6.29
N PRO B 378 2.50 -13.86 6.64
CA PRO B 378 1.69 -12.98 5.78
C PRO B 378 2.24 -11.56 5.76
N THR B 379 2.24 -10.98 4.56
CA THR B 379 2.86 -9.69 4.32
C THR B 379 1.85 -8.71 3.76
N SER B 380 2.13 -7.44 3.98
CA SER B 380 1.24 -6.39 3.54
C SER B 380 1.15 -6.41 2.02
N PRO B 381 -0.05 -6.44 1.44
CA PRO B 381 -0.19 -6.58 -0.02
C PRO B 381 0.46 -5.42 -0.77
N THR B 382 1.05 -5.73 -1.93
CA THR B 382 1.68 -4.73 -2.77
C THR B 382 0.80 -4.30 -3.94
N CYS B 383 -0.36 -4.92 -4.13
CA CYS B 383 -1.39 -4.45 -5.06
C CYS B 383 -2.75 -4.72 -4.41
N GLY B 384 -3.81 -4.33 -5.09
CA GLY B 384 -5.12 -4.50 -4.51
C GLY B 384 -5.61 -5.94 -4.54
N ILE B 385 -6.52 -6.26 -3.63
CA ILE B 385 -7.11 -7.60 -3.54
C ILE B 385 -8.62 -7.46 -3.44
N PHE B 386 -9.33 -8.04 -4.40
CA PHE B 386 -10.77 -8.30 -4.26
C PHE B 386 -10.90 -9.70 -3.68
N SER B 387 -11.05 -9.76 -2.36
CA SER B 387 -10.98 -11.02 -1.60
C SER B 387 -12.32 -11.73 -1.62
N THR B 388 -12.40 -12.79 -2.42
CA THR B 388 -13.59 -13.63 -2.47
C THR B 388 -13.71 -14.54 -1.25
N VAL B 389 -12.70 -14.59 -0.38
CA VAL B 389 -12.88 -15.18 0.95
C VAL B 389 -13.67 -14.24 1.87
N HIS B 390 -13.23 -12.98 1.95
CA HIS B 390 -13.95 -11.97 2.74
C HIS B 390 -15.07 -11.31 1.91
N GLU B 391 -15.96 -12.17 1.39
CA GLU B 391 -17.22 -11.76 0.82
C GLU B 391 -17.06 -10.82 -0.37
N GLY B 392 -15.89 -10.85 -1.02
CA GLY B 392 -15.70 -10.11 -2.24
C GLY B 392 -15.22 -8.69 -2.06
N ARG B 393 -14.86 -8.31 -0.85
CA ARG B 393 -14.55 -6.92 -0.54
C ARG B 393 -13.13 -6.56 -0.97
N TYR B 394 -12.91 -5.26 -1.13
CA TYR B 394 -11.63 -4.76 -1.60
C TYR B 394 -10.69 -4.53 -0.43
N ILE B 395 -9.43 -4.91 -0.61
CA ILE B 395 -8.34 -4.55 0.31
C ILE B 395 -7.34 -3.72 -0.47
N LYS B 396 -7.16 -2.47 -0.05
CA LYS B 396 -6.18 -1.58 -0.66
C LYS B 396 -4.76 -2.07 -0.35
N PRO B 397 -3.80 -1.79 -1.23
CA PRO B 397 -2.42 -2.19 -0.97
C PRO B 397 -1.91 -1.49 0.28
N GLY B 398 -0.81 -2.01 0.83
CA GLY B 398 -0.16 -1.41 1.97
C GLY B 398 -0.90 -1.55 3.29
N GLY B 399 -2.12 -2.08 3.28
CA GLY B 399 -2.83 -2.34 4.50
C GLY B 399 -2.17 -3.41 5.34
N GLU B 400 -2.93 -3.88 6.34
CA GLU B 400 -2.46 -4.97 7.19
C GLU B 400 -2.51 -6.29 6.42
N PRO B 401 -1.61 -7.23 6.70
CA PRO B 401 -1.64 -8.53 6.00
C PRO B 401 -2.93 -9.27 6.29
N ILE B 402 -3.43 -9.97 5.27
CA ILE B 402 -4.68 -10.72 5.39
C ILE B 402 -4.48 -12.21 5.29
N HIS B 403 -3.33 -12.68 4.83
CA HIS B 403 -3.17 -14.08 4.49
C HIS B 403 -2.72 -14.93 5.69
N ASP B 404 -3.43 -14.72 6.79
CA ASP B 404 -3.56 -15.61 7.96
C ASP B 404 -3.63 -17.10 7.71
N VAL B 405 -3.18 -17.87 8.70
CA VAL B 405 -3.66 -19.25 8.85
C VAL B 405 -5.18 -19.27 8.88
N GLU B 406 -5.78 -18.38 9.67
CA GLU B 406 -7.23 -18.28 9.67
C GLU B 406 -7.79 -17.89 8.30
N TYR B 407 -7.03 -17.15 7.48
CA TYR B 407 -7.54 -16.82 6.16
C TYR B 407 -7.71 -18.07 5.30
N TRP B 408 -6.72 -18.98 5.32
CA TRP B 408 -6.78 -20.16 4.48
C TRP B 408 -7.79 -21.18 5.01
N LYS B 409 -8.02 -21.20 6.33
CA LYS B 409 -9.09 -22.00 6.90
C LYS B 409 -10.46 -21.50 6.46
N LYS B 410 -10.65 -20.18 6.49
CA LYS B 410 -11.94 -19.62 6.07
C LYS B 410 -12.19 -19.87 4.59
N GLY B 411 -11.17 -19.70 3.76
CA GLY B 411 -11.33 -19.84 2.33
C GLY B 411 -11.62 -21.27 1.91
N LEU B 412 -11.00 -22.25 2.58
CA LEU B 412 -11.31 -23.65 2.26
C LEU B 412 -12.72 -24.01 2.71
N ARG B 413 -13.14 -23.47 3.85
CA ARG B 413 -14.38 -23.88 4.46
C ARG B 413 -15.59 -23.21 3.86
N HIS B 414 -15.52 -21.90 3.59
CA HIS B 414 -16.71 -21.11 3.32
C HIS B 414 -16.84 -20.75 1.86
N SER B 415 -17.98 -20.15 1.55
CA SER B 415 -18.34 -19.86 0.18
C SER B 415 -17.34 -18.90 -0.46
N VAL B 416 -17.26 -18.98 -1.78
CA VAL B 416 -16.43 -18.11 -2.59
C VAL B 416 -17.33 -17.07 -3.25
N TYR B 417 -17.13 -15.82 -2.86
CA TYR B 417 -17.92 -14.69 -3.36
C TYR B 417 -17.22 -14.08 -4.58
N PHE B 418 -17.20 -14.87 -5.66
CA PHE B 418 -16.45 -14.46 -6.83
C PHE B 418 -17.19 -13.38 -7.62
N THR B 419 -18.47 -13.60 -7.89
CA THR B 419 -19.24 -12.62 -8.64
C THR B 419 -19.30 -11.30 -7.87
N HIS B 420 -19.28 -11.37 -6.54
CA HIS B 420 -19.26 -10.16 -5.73
C HIS B 420 -17.96 -9.39 -5.91
N GLY B 421 -16.83 -10.09 -5.92
CA GLY B 421 -15.55 -9.43 -6.14
C GLY B 421 -15.45 -8.76 -7.50
N ILE B 422 -15.80 -9.48 -8.57
CA ILE B 422 -15.81 -8.90 -9.91
C ILE B 422 -16.68 -7.65 -9.95
N ARG B 423 -17.85 -7.71 -9.31
CA ARG B 423 -18.75 -6.55 -9.27
C ARG B 423 -18.10 -5.37 -8.55
N ASN B 424 -17.37 -5.62 -7.46
CA ASN B 424 -16.68 -4.53 -6.79
C ASN B 424 -15.56 -3.97 -7.66
N ALA B 425 -14.92 -4.84 -8.46
CA ALA B 425 -13.88 -4.36 -9.36
C ALA B 425 -14.47 -3.49 -10.47
N VAL B 426 -15.59 -3.92 -11.06
CA VAL B 426 -16.25 -3.09 -12.07
C VAL B 426 -16.70 -1.77 -11.45
N ASP B 427 -17.30 -1.83 -10.25
CA ASP B 427 -17.79 -0.63 -9.56
C ASP B 427 -16.67 0.29 -9.09
N SER B 428 -15.40 -0.11 -9.18
CA SER B 428 -14.33 0.83 -8.86
C SER B 428 -13.48 1.16 -10.09
N GLY B 429 -14.04 1.01 -11.29
CA GLY B 429 -13.39 1.47 -12.50
C GLY B 429 -12.54 0.44 -13.23
N HIS B 430 -12.49 -0.80 -12.78
CA HIS B 430 -11.70 -1.78 -13.49
C HIS B 430 -12.49 -2.30 -14.69
N THR B 431 -11.81 -2.38 -15.83
CA THR B 431 -12.40 -2.92 -17.05
C THR B 431 -11.61 -4.04 -17.71
N THR B 432 -10.32 -4.19 -17.42
CA THR B 432 -9.49 -5.24 -17.99
C THR B 432 -9.31 -6.35 -16.95
N PHE B 433 -9.68 -7.58 -17.34
CA PHE B 433 -9.56 -8.76 -16.51
C PHE B 433 -8.79 -9.80 -17.28
N LEU B 434 -7.66 -10.25 -16.72
CA LEU B 434 -6.75 -11.20 -17.34
C LEU B 434 -6.73 -12.45 -16.48
N GLU B 435 -6.95 -13.63 -17.08
CA GLU B 435 -6.94 -14.89 -16.34
C GLU B 435 -5.65 -15.65 -16.59
N LEU B 436 -4.93 -15.97 -15.51
CA LEU B 436 -3.80 -16.90 -15.57
C LEU B 436 -4.35 -18.30 -15.36
N ALA B 437 -4.29 -19.15 -16.39
CA ALA B 437 -5.00 -20.42 -16.35
C ALA B 437 -4.60 -21.27 -17.56
N PRO B 438 -4.75 -22.59 -17.45
CA PRO B 438 -4.61 -23.49 -18.61
C PRO B 438 -5.82 -23.55 -19.52
N ASN B 439 -6.97 -23.04 -19.07
CA ASN B 439 -8.20 -22.91 -19.82
C ASN B 439 -8.94 -21.74 -19.20
N PRO B 440 -9.48 -20.85 -20.01
CA PRO B 440 -10.04 -19.57 -19.49
C PRO B 440 -11.48 -19.72 -18.99
N VAL B 441 -11.70 -20.68 -18.09
CA VAL B 441 -13.05 -20.96 -17.58
C VAL B 441 -13.61 -19.75 -16.87
N ALA B 442 -12.85 -19.19 -15.91
CA ALA B 442 -13.37 -18.09 -15.11
C ALA B 442 -13.66 -16.85 -15.95
N LEU B 443 -12.90 -16.62 -17.02
CA LEU B 443 -13.13 -15.46 -17.88
C LEU B 443 -14.55 -15.44 -18.42
N MET B 444 -15.12 -16.62 -18.66
CA MET B 444 -16.52 -16.71 -19.04
C MET B 444 -17.43 -16.17 -17.96
N GLN B 445 -17.13 -16.50 -16.69
CA GLN B 445 -17.97 -16.04 -15.59
C GLN B 445 -17.82 -14.53 -15.39
N VAL B 446 -16.61 -13.99 -15.63
CA VAL B 446 -16.40 -12.54 -15.54
C VAL B 446 -17.21 -11.81 -16.61
N ALA B 447 -17.22 -12.34 -17.83
CA ALA B 447 -18.00 -11.73 -18.89
C ALA B 447 -19.45 -11.59 -18.48
N LEU B 448 -19.99 -12.60 -17.80
CA LEU B 448 -21.39 -12.53 -17.37
C LEU B 448 -21.58 -11.44 -16.33
N THR B 449 -20.69 -11.37 -15.35
CA THR B 449 -20.83 -10.38 -14.28
C THR B 449 -20.60 -8.96 -14.80
N THR B 450 -19.60 -8.75 -15.67
CA THR B 450 -19.37 -7.41 -16.18
C THR B 450 -20.55 -6.94 -17.03
N ALA B 451 -21.02 -7.79 -17.96
CA ALA B 451 -22.21 -7.45 -18.73
C ALA B 451 -23.39 -7.16 -17.82
N ASP B 452 -23.53 -7.91 -16.72
CA ASP B 452 -24.64 -7.67 -15.79
C ASP B 452 -24.46 -6.35 -15.04
N ALA B 453 -23.23 -5.89 -14.84
CA ALA B 453 -23.01 -4.66 -14.09
C ALA B 453 -23.06 -3.43 -14.99
N GLY B 454 -23.45 -3.60 -16.26
CA GLY B 454 -23.50 -2.51 -17.20
C GLY B 454 -22.27 -2.29 -18.04
N LEU B 455 -21.19 -3.03 -17.80
CA LEU B 455 -19.96 -2.91 -18.58
C LEU B 455 -20.02 -3.88 -19.77
N HIS B 456 -20.43 -3.37 -20.92
CA HIS B 456 -20.63 -4.23 -22.07
C HIS B 456 -19.40 -4.31 -22.98
N ASP B 457 -18.27 -3.72 -22.60
CA ASP B 457 -17.05 -3.85 -23.40
C ASP B 457 -15.83 -4.05 -22.51
N ALA B 458 -15.89 -4.99 -21.58
CA ALA B 458 -14.71 -5.28 -20.78
C ALA B 458 -13.60 -5.88 -21.65
N GLN B 459 -12.37 -5.57 -21.28
CA GLN B 459 -11.19 -6.18 -21.88
C GLN B 459 -10.95 -7.53 -21.19
N LEU B 460 -11.32 -8.63 -21.87
CA LEU B 460 -11.25 -9.96 -21.28
C LEU B 460 -10.11 -10.74 -21.97
N ILE B 461 -8.98 -10.81 -21.28
CA ILE B 461 -7.72 -11.30 -21.83
C ILE B 461 -7.45 -12.70 -21.28
N PRO B 462 -7.46 -13.74 -22.09
CA PRO B 462 -7.14 -15.07 -21.57
C PRO B 462 -5.64 -15.36 -21.66
N THR B 463 -5.21 -16.54 -21.23
CA THR B 463 -3.83 -16.96 -21.41
C THR B 463 -3.87 -18.24 -22.20
N LEU B 464 -3.62 -19.40 -21.57
CA LEU B 464 -3.60 -20.66 -22.30
C LEU B 464 -5.01 -21.20 -22.49
N ALA B 465 -5.17 -22.00 -23.55
CA ALA B 465 -6.40 -22.76 -23.76
C ALA B 465 -6.04 -24.05 -24.47
N ARG B 466 -6.66 -25.15 -24.05
CA ARG B 466 -6.50 -26.43 -24.73
C ARG B 466 -6.76 -26.26 -26.22
N LYS B 467 -6.03 -27.03 -27.03
CA LYS B 467 -6.12 -26.99 -28.51
C LYS B 467 -5.90 -25.58 -29.07
N GLN B 468 -5.18 -24.73 -28.35
CA GLN B 468 -4.64 -23.48 -28.89
C GLN B 468 -3.15 -23.48 -28.63
N ASP B 469 -2.36 -23.23 -29.67
CA ASP B 469 -0.91 -23.18 -29.47
C ASP B 469 -0.56 -22.29 -28.30
N GLU B 470 0.11 -22.88 -27.33
CA GLU B 470 0.39 -22.17 -26.10
C GLU B 470 1.36 -21.02 -26.33
N VAL B 471 2.21 -21.10 -27.36
CA VAL B 471 3.13 -19.99 -27.59
C VAL B 471 2.41 -18.82 -28.26
N SER B 472 1.60 -19.11 -29.28
CA SER B 472 0.72 -18.11 -29.89
C SER B 472 -0.16 -17.44 -28.84
N SER B 473 -0.68 -18.20 -27.88
CA SER B 473 -1.65 -17.64 -26.95
C SER B 473 -1.01 -16.56 -26.08
N MET B 474 0.24 -16.79 -25.66
CA MET B 474 0.91 -15.79 -24.84
C MET B 474 1.27 -14.55 -25.64
N VAL B 475 1.59 -14.71 -26.94
CA VAL B 475 1.80 -13.54 -27.80
C VAL B 475 0.53 -12.70 -27.87
N SER B 476 -0.61 -13.33 -28.11
CA SER B 476 -1.88 -12.61 -28.16
C SER B 476 -2.20 -11.95 -26.82
N THR B 477 -1.96 -12.66 -25.71
CA THR B 477 -2.11 -12.07 -24.37
C THR B 477 -1.32 -10.77 -24.24
N MET B 478 -0.03 -10.80 -24.60
CA MET B 478 0.77 -9.61 -24.34
C MET B 478 0.50 -8.51 -25.36
N ALA B 479 0.12 -8.87 -26.59
CA ALA B 479 -0.30 -7.86 -27.55
C ALA B 479 -1.48 -7.06 -27.04
N GLN B 480 -2.47 -7.74 -26.43
CA GLN B 480 -3.64 -7.05 -25.86
C GLN B 480 -3.24 -6.09 -24.75
N LEU B 481 -2.38 -6.53 -23.82
CA LEU B 481 -1.91 -5.63 -22.78
C LEU B 481 -1.28 -4.38 -23.38
N TYR B 482 -0.52 -4.55 -24.47
CA TYR B 482 0.09 -3.41 -25.14
C TYR B 482 -0.97 -2.46 -25.70
N VAL B 483 -2.00 -3.01 -26.36
CA VAL B 483 -2.99 -2.20 -27.09
C VAL B 483 -3.72 -1.26 -26.13
N TYR B 484 -4.13 -1.76 -24.96
CA TYR B 484 -4.91 -0.98 -24.00
C TYR B 484 -4.06 -0.06 -23.14
N GLY B 485 -2.74 -0.03 -23.33
CA GLY B 485 -1.88 0.84 -22.57
C GLY B 485 -1.45 0.32 -21.21
N HIS B 486 -1.59 -0.97 -20.95
CA HIS B 486 -1.15 -1.52 -19.68
C HIS B 486 0.36 -1.76 -19.71
N ASP B 487 0.94 -1.95 -18.53
CA ASP B 487 2.38 -2.15 -18.44
C ASP B 487 2.80 -3.39 -19.24
N LEU B 488 3.72 -3.20 -20.18
CA LEU B 488 4.29 -4.25 -21.03
C LEU B 488 5.34 -3.64 -21.94
N ASP B 489 6.48 -4.30 -22.10
CA ASP B 489 7.55 -3.79 -22.94
C ASP B 489 7.50 -4.58 -24.26
N ILE B 490 6.74 -4.06 -25.21
CA ILE B 490 6.50 -4.80 -26.45
C ILE B 490 7.79 -5.08 -27.21
N ARG B 491 8.87 -4.32 -26.95
CA ARG B 491 10.16 -4.61 -27.59
C ARG B 491 10.67 -5.99 -27.23
N THR B 492 10.30 -6.50 -26.05
CA THR B 492 10.72 -7.81 -25.55
C THR B 492 9.96 -8.98 -26.19
N LEU B 493 9.02 -8.73 -27.10
CA LEU B 493 8.44 -9.81 -27.87
C LEU B 493 9.27 -10.17 -29.09
N PHE B 494 10.39 -9.49 -29.29
CA PHE B 494 11.34 -9.81 -30.34
C PHE B 494 12.71 -9.93 -29.69
N SER B 495 13.55 -10.80 -30.23
CA SER B 495 14.93 -10.82 -29.76
C SER B 495 15.63 -9.52 -30.14
N ARG B 496 16.56 -9.10 -29.29
CA ARG B 496 17.37 -7.92 -29.55
C ARG B 496 18.05 -8.02 -30.93
N ALA B 497 18.03 -6.92 -31.67
CA ALA B 497 18.57 -6.96 -33.03
C ALA B 497 20.06 -7.26 -32.98
N SER B 498 20.52 -8.05 -33.94
CA SER B 498 21.90 -8.49 -33.97
C SER B 498 22.65 -8.01 -35.21
N GLY B 499 21.95 -7.43 -36.17
CA GLY B 499 22.55 -6.74 -37.29
C GLY B 499 21.43 -6.02 -38.04
N PRO B 500 21.77 -5.26 -39.09
CA PRO B 500 20.73 -4.50 -39.81
C PRO B 500 19.69 -5.38 -40.49
N GLN B 501 20.00 -6.65 -40.78
CA GLN B 501 19.00 -7.54 -41.35
C GLN B 501 17.88 -7.86 -40.37
N ASP B 502 18.05 -7.56 -39.08
CA ASP B 502 16.97 -7.74 -38.12
C ASP B 502 15.95 -6.62 -38.13
N TYR B 503 16.16 -5.56 -38.91
CA TYR B 503 15.23 -4.44 -38.98
C TYR B 503 14.77 -4.24 -40.41
N ALA B 504 13.50 -4.52 -40.68
CA ALA B 504 12.94 -4.18 -41.98
C ALA B 504 12.96 -2.67 -42.14
N ASN B 505 13.13 -2.22 -43.38
CA ASN B 505 13.10 -0.80 -43.71
C ASN B 505 11.67 -0.35 -43.96
N ILE B 506 10.88 -0.41 -42.89
CA ILE B 506 9.51 0.10 -42.97
C ILE B 506 9.54 1.60 -43.28
N PRO B 507 8.65 2.12 -44.10
CA PRO B 507 8.69 3.55 -44.44
C PRO B 507 8.43 4.42 -43.21
N PRO B 508 9.20 5.51 -43.05
CA PRO B 508 8.83 6.54 -42.06
C PRO B 508 7.46 7.11 -42.41
N THR B 509 6.76 7.60 -41.41
CA THR B 509 5.43 8.11 -41.66
C THR B 509 5.29 9.54 -41.20
N ARG B 510 4.42 10.28 -41.88
CA ARG B 510 4.07 11.62 -41.43
C ARG B 510 3.01 11.59 -40.35
N PHE B 511 2.33 10.46 -40.19
CA PHE B 511 1.18 10.33 -39.30
C PHE B 511 1.64 9.75 -37.96
N LYS B 512 1.88 10.63 -36.98
CA LYS B 512 2.34 10.19 -35.65
C LYS B 512 1.26 10.34 -34.55
C1 GLC C . -19.60 31.69 14.23
C2 GLC C . -19.00 33.01 13.80
C3 GLC C . -18.45 32.95 12.40
C4 GLC C . -17.49 31.77 12.24
C5 GLC C . -18.18 30.46 12.68
C6 GLC C . -17.24 29.27 12.69
O2 GLC C . -19.94 34.07 13.91
O3 GLC C . -17.77 34.18 12.19
O4 GLC C . -17.03 31.67 10.90
O5 GLC C . -18.68 30.59 14.04
O6 GLC C . -16.03 29.55 13.37
C1 FRU C . -22.63 32.21 14.56
C2 FRU C . -21.92 31.05 13.89
C3 FRU C . -22.80 30.32 12.86
C4 FRU C . -22.23 28.91 12.91
C5 FRU C . -22.04 28.74 14.43
C6 FRU C . -21.05 27.70 14.88
O1 FRU C . -23.77 31.74 15.26
O2 FRU C . -20.73 31.53 13.32
O3 FRU C . -22.80 30.92 11.59
O4 FRU C . -23.12 27.95 12.37
O5 FRU C . -21.65 30.06 14.88
O6 FRU C . -19.95 28.25 15.61
C1 GLC D . 7.35 7.66 36.77
C2 GLC D . 5.96 8.22 36.96
C3 GLC D . 5.90 9.35 37.97
C4 GLC D . 6.63 8.99 39.27
C5 GLC D . 8.00 8.38 39.03
C6 GLC D . 8.54 7.74 40.30
O2 GLC D . 5.48 8.70 35.70
O3 GLC D . 4.55 9.68 38.27
O4 GLC D . 6.85 10.17 40.03
O5 GLC D . 7.95 7.32 38.02
O6 GLC D . 9.87 7.33 40.11
C1 FRU D . 8.04 7.85 33.73
C2 FRU D . 8.91 8.09 34.96
C3 FRU D . 10.03 9.11 34.69
C4 FRU D . 11.03 8.75 35.77
C5 FRU D . 10.98 7.23 35.71
C6 FRU D . 11.35 6.52 36.99
O1 FRU D . 8.73 7.17 32.66
O2 FRU D . 8.18 8.58 36.05
O3 FRU D . 9.61 10.46 34.73
O4 FRU D . 12.34 9.24 35.54
O5 FRU D . 9.61 6.91 35.31
O6 FRU D . 11.35 5.12 36.74
C1 GLC E . 15.42 25.96 -19.37
C2 GLC E . 14.06 25.96 -18.68
C3 GLC E . 13.02 26.75 -19.52
C4 GLC E . 13.52 28.15 -19.95
C5 GLC E . 14.95 28.10 -20.53
C6 GLC E . 15.52 29.51 -20.65
O2 GLC E . 13.64 24.62 -18.37
O3 GLC E . 11.80 26.90 -18.78
O4 GLC E . 12.67 28.72 -20.96
O5 GLC E . 15.86 27.31 -19.67
O6 GLC E . 16.58 29.57 -21.63
C1 FRU E . 17.19 23.10 -19.85
C2 FRU E . 17.17 24.41 -20.63
C3 FRU E . 17.40 24.22 -22.15
C4 FRU E . 18.91 24.36 -22.32
C5 FRU E . 19.19 25.48 -21.30
C6 FRU E . 19.00 26.87 -21.89
O1 FRU E . 16.08 22.18 -20.07
O2 FRU E . 15.95 25.07 -20.39
O3 FRU E . 16.60 25.12 -22.90
O4 FRU E . 19.70 23.18 -22.12
O5 FRU E . 18.25 25.23 -20.21
O6 FRU E . 19.00 27.86 -20.88
C1 GLC F . 10.46 -13.87 -27.12
C2 GLC F . 9.65 -13.88 -28.40
C3 GLC F . 10.18 -14.95 -29.35
C4 GLC F . 11.66 -14.75 -29.58
C5 GLC F . 12.39 -14.80 -28.27
C6 GLC F . 13.88 -14.57 -28.42
O2 GLC F . 8.26 -14.06 -28.12
O3 GLC F . 9.52 -14.87 -30.61
O4 GLC F . 12.14 -15.78 -30.44
O5 GLC F . 11.87 -13.76 -27.38
O6 GLC F . 14.43 -14.10 -27.18
C1 FRU F . 8.28 -15.21 -25.08
C2 FRU F . 9.79 -15.33 -25.12
C3 FRU F . 10.32 -16.65 -24.50
C4 FRU F . 11.73 -16.28 -24.09
C5 FRU F . 11.55 -14.80 -23.64
C6 FRU F . 12.69 -13.87 -23.98
O1 FRU F . 7.89 -15.09 -23.72
O2 FRU F . 10.13 -15.12 -26.47
O3 FRU F . 10.13 -17.76 -25.35
O4 FRU F . 12.23 -17.02 -22.98
O5 FRU F . 10.34 -14.33 -24.27
O6 FRU F . 12.52 -12.65 -23.26
C1 GLC G . 17.43 -8.82 -45.33
C2 GLC G . 16.52 -9.86 -44.71
C3 GLC G . 15.11 -9.29 -44.50
C4 GLC G . 15.18 -8.00 -43.70
C5 GLC G . 16.07 -6.99 -44.42
C6 GLC G . 16.23 -5.72 -43.62
O2 GLC G . 16.51 -11.04 -45.53
O3 GLC G . 14.28 -10.21 -43.82
O4 GLC G . 13.87 -7.45 -43.52
O5 GLC G . 17.40 -7.56 -44.62
O6 GLC G . 16.99 -4.79 -44.35
C1 FRU G . 19.25 -7.98 -47.35
C2 FRU G . 17.75 -7.95 -47.66
C3 FRU G . 17.41 -8.41 -49.09
C4 FRU G . 16.04 -7.78 -49.28
C5 FRU G . 16.23 -6.41 -48.60
C6 FRU G . 14.98 -5.86 -47.95
O1 FRU G . 20.03 -7.34 -48.36
O2 FRU G . 17.06 -8.75 -46.73
O3 FRU G . 17.45 -9.81 -49.25
O4 FRU G . 15.67 -7.63 -50.65
O5 FRU G . 17.29 -6.61 -47.64
O6 FRU G . 15.11 -4.49 -47.61
C1 GLC H . -0.81 2.77 -14.33
C2 GLC H . -1.21 1.50 -13.61
C3 GLC H . -1.14 0.30 -14.56
C4 GLC H . -2.05 0.57 -15.76
C5 GLC H . -1.66 1.87 -16.46
C6 GLC H . -2.67 2.27 -17.51
O2 GLC H . -0.40 1.34 -12.44
O3 GLC H . -1.52 -0.93 -13.91
O4 GLC H . -1.97 -0.50 -16.69
O5 GLC H . -1.61 2.99 -15.51
O6 GLC H . -3.96 2.22 -16.95
C1 FRU H . 1.90 4.05 -13.01
C2 FRU H . 1.58 3.86 -14.49
C3 FRU H . 2.80 3.56 -15.38
C4 FRU H . 2.34 4.04 -16.75
C5 FRU H . 1.42 5.22 -16.43
C6 FRU H . 0.17 5.22 -17.29
O1 FRU H . 2.69 5.22 -12.77
O2 FRU H . 0.62 2.83 -14.57
O3 FRU H . 3.22 2.20 -15.38
O4 FRU H . 3.40 4.41 -17.63
O5 FRU H . 1.06 5.07 -15.03
O6 FRU H . -0.67 6.32 -16.99
C1 GLC I . 5.11 0.93 -24.50
C2 GLC I . 6.03 -0.12 -25.14
C3 GLC I . 7.41 -0.14 -24.53
C4 GLC I . 8.02 1.24 -24.49
C5 GLC I . 7.09 2.24 -23.84
C6 GLC I . 7.58 3.67 -24.00
O2 GLC I . 5.38 -1.39 -25.02
O3 GLC I . 8.27 -1.02 -25.27
O4 GLC I . 9.22 1.21 -23.73
O5 GLC I . 5.74 2.21 -24.43
O6 GLC I . 7.04 4.50 -22.98
C1 FRU I . 2.68 -0.44 -23.32
C2 FRU I . 3.50 0.66 -22.67
C3 FRU I . 3.52 0.62 -21.11
C4 FRU I . 3.82 2.07 -20.77
C5 FRU I . 3.00 2.81 -21.84
C6 FRU I . 3.59 4.16 -22.23
O1 FRU I . 1.33 -0.33 -22.92
O2 FRU I . 4.81 0.55 -23.15
O3 FRU I . 4.42 -0.34 -20.58
O4 FRU I . 3.46 2.48 -19.45
O5 FRU I . 2.94 1.91 -22.98
O6 FRU I . 2.73 4.78 -23.17
OH3 1PE J . 10.79 37.40 -4.51
C13 1PE J . 10.37 35.04 -4.73
C23 1PE J . 11.40 36.11 -4.61
OH4 1PE J . 10.08 34.42 -3.47
C14 1PE J . 8.96 32.62 -2.26
C24 1PE J . 9.42 33.15 -3.58
OH5 1PE J . 8.74 31.22 -2.35
C15 1PE J . 8.19 29.14 -1.28
C25 1PE J . 8.16 30.64 -1.18
OH6 1PE J . 7.08 28.57 -0.61
C16 1PE J . 6.58 26.83 0.96
C26 1PE J . 7.21 27.17 -0.34
OH7 1PE J . 7.27 25.78 1.61
OH2 1PE K . 3.37 32.21 28.89
C12 1PE K . 2.33 31.34 29.31
C22 1PE K . 2.44 31.01 30.77
OH3 1PE K . 2.10 29.65 30.95
C13 1PE K . 0.16 28.95 32.17
C23 1PE K . 1.59 29.36 32.24
OH4 1PE K . 0.00 27.58 32.54
OH3 1PE L . 26.82 7.52 21.18
C13 1PE L . 26.87 5.39 20.04
C23 1PE L . 26.50 6.13 21.29
OH4 1PE L . 26.73 3.99 20.21
C14 1PE L . 25.20 2.72 18.83
C24 1PE L . 25.39 3.53 20.08
OH5 1PE L . 23.81 2.48 18.62
C15 1PE L . 23.89 1.94 16.27
C25 1PE L . 23.51 1.48 17.65
OH6 1PE L . 22.78 1.92 15.36
C16 1PE L . 21.17 0.36 14.50
C26 1PE L . 21.75 1.02 15.72
OH7 1PE L . 20.18 -0.59 14.85
S SO4 M . -5.79 -4.87 42.24
O1 SO4 M . -7.13 -4.81 42.83
O2 SO4 M . -5.47 -3.60 41.58
O3 SO4 M . -4.82 -5.10 43.31
O4 SO4 M . -5.70 -5.95 41.27
S SO4 N . 15.82 7.93 29.37
O1 SO4 N . 15.14 9.14 28.91
O2 SO4 N . 17.07 7.70 28.65
O3 SO4 N . 16.13 8.09 30.78
O4 SO4 N . 14.96 6.77 29.12
S SO4 O . -5.42 17.18 33.84
O1 SO4 O . -6.77 17.56 34.24
O2 SO4 O . -4.89 18.10 32.84
O3 SO4 O . -4.56 17.18 35.02
O4 SO4 O . -5.47 15.83 33.28
S SO4 P . -3.11 -0.55 50.30
O1 SO4 P . -3.81 0.72 50.22
O2 SO4 P . -3.41 -1.19 51.58
O3 SO4 P . -3.54 -1.45 49.23
O4 SO4 P . -1.67 -0.30 50.20
S SO4 Q . -1.51 37.47 5.62
O1 SO4 Q . -2.20 37.61 4.30
O2 SO4 Q . -0.55 38.56 5.78
O3 SO4 Q . -2.44 37.48 6.77
O4 SO4 Q . -0.79 36.19 5.63
C12 A1ATW R . 6.97 13.44 1.88
C11 A1ATW R . 5.59 13.36 1.69
C22 A1ATW R . 9.75 20.68 3.62
C16 A1ATW R . 4.80 14.47 1.99
C18 A1ATW R . 7.40 16.99 3.24
C20 A1ATW R . 8.59 18.94 2.39
C21 A1ATW R . 9.31 19.37 3.51
C01 A1ATW R . 2.38 10.04 -3.63
C06 A1ATW R . 3.59 10.90 0.02
C09 A1ATW R . 5.40 10.88 1.22
C13 A1ATW R . 7.54 14.61 2.37
C14 A1ATW R . 6.75 15.71 2.69
C15 A1ATW R . 5.37 15.63 2.49
C23 A1ATW R . 9.47 21.60 2.62
C24 A1ATW R . 8.77 21.17 1.51
C25 A1ATW R . 8.34 19.86 1.40
F17 A1ATW R . 4.57 16.70 2.78
F36 A1ATW R . 8.89 14.63 2.57
N05 A1ATW R . 2.41 10.55 -0.79
N07 A1ATW R . 3.87 12.13 0.39
N08 A1ATW R . 4.98 12.13 1.14
N10 A1ATW R . 4.54 10.10 0.54
O03 A1ATW R . 1.08 8.53 -1.83
O04 A1ATW R . 3.29 8.20 -1.73
O19 A1ATW R . 8.13 17.60 2.22
O26 A1ATW R . 9.89 22.94 2.65
O28 A1ATW R . 8.47 23.66 4.78
O29 A1ATW R . 9.35 25.35 3.45
S02 A1ATW R . 2.32 9.29 -1.96
S27 A1ATW R . 9.71 23.97 3.96
S SO4 S . 9.06 7.09 -34.36
O1 SO4 S . 7.61 7.13 -34.19
O2 SO4 S . 9.40 7.49 -35.72
O3 SO4 S . 9.71 8.01 -33.41
O4 SO4 S . 9.58 5.76 -34.13
S SO4 T . -12.56 -27.14 -23.64
O1 SO4 T . -12.42 -26.59 -24.98
O2 SO4 T . -11.40 -27.98 -23.36
O3 SO4 T . -12.64 -26.08 -22.65
O4 SO4 T . -13.79 -27.94 -23.57
S SO4 U . -0.15 -38.30 -4.97
O1 SO4 U . -1.52 -37.81 -5.22
O2 SO4 U . 0.80 -37.66 -5.91
O3 SO4 U . 0.15 -38.01 -3.55
O4 SO4 U . -0.10 -39.77 -5.19
#